data_6WYA
#
_entry.id   6WYA
#
_cell.length_a   92.960
_cell.length_b   96.360
_cell.length_c   112.900
_cell.angle_alpha   90.000
_cell.angle_beta   90.000
_cell.angle_gamma   90.000
#
_symmetry.space_group_name_H-M   'P 21 21 21'
#
loop_
_entity.id
_entity.type
_entity.pdbx_description
1 polymer 'DNA polymerase'
2 polymer 'DNA strand 1'
3 polymer 'DNA strand 2'
4 non-polymer 'MAGNESIUM ION'
5 non-polymer "2'-deoxy-5'-O-[(R)-hydroxy{[(R)-hydroxy(phosphonooxy)phosphoryl]amino}phosphoryl]adenosine"
6 non-polymer 2-AMINO-2-HYDROXYMETHYL-PROPANE-1,3-DIOL
7 non-polymer 1,2-ETHANEDIOL
8 non-polymer 'ACETATE ION'
9 water water
#
loop_
_entity_poly.entity_id
_entity_poly.type
_entity_poly.pdbx_seq_one_letter_code
_entity_poly.pdbx_strand_id
1 'polypeptide(L)'
;MILDTDYITEDGKPVIRIFKKENGEFKIEYDRTFEPYLYALLKDDSAIEEVKKITAERHGTVVTVKRVEKVQKKFLGRPV
EVWKLYFTHPQDVPAIMDKIREHPAVIDIYEYDIPFAIRYLIDKGLVPMEGDEELKLLAFDIETLYHEGEEFAEGPILMI
SYADEEGARVITWKNVDLPYVDVVSTEREMIKRFLRVVKEKDPDVLITYDGDNFDFAYLKKRCEKLGINFALGRDGSEPK
IQRMGDRFAVEVKGRIHFDLYPVIRRTINLPTYTLEAVYEAVFGQPKEKVYAEEITTAWETGENLERVARYSMEDAKVTY
ELGKEFLPMEAQLSRLIGQSLWDVSRSSTGNLVEWFLLRKAYERNELAPNKPDEKELARRHQSHEGGYIKEPERGLWENI
VYLDFRSLYPSIIITHNVSPDTLNREGCKEYDVAPQVGHRFCKDFPGFIPSLLGDLLEERQKIKKRMKATIDPIERKLLD
YRQRAIKILANSLYGYYGYARARWYCKECAESVIAWGREYLTMTIKEIEEKYGFKVIYSDTDGFFATIPGADAETVKKKA
MEFLKYINAKLPGALELEYEGFYKRGLFVTKKKYAVIDEEGKITTRGLEIVRRDWSEIAKETQARVLEALLKDGDVEKAV
RIVKEVTEKLSKYEVPPEKLVIHKQITRDLKDYKATGPHVAVAKRLAARGVKIRPGTVISYIVLKGSGRIVDRAIPFDEF
DPTKHKYDAEYYIEKQVLPAVERILRAFGYRKEDLRYQKTRQVGLSARLKPKGT
;
A
2 'polydeoxyribonucleotide'
;(DT)(DA)(DT)(DA)(DG)(DG)(DC)(DA)(DT)(DA)(DC)(DG)(DA)(DC)(DC)(DA)(DC)(DA)(DA)(DC)
(DT)(DG)(DT)
;
B
3 'polydeoxyribonucleotide' (DA)(DC)(DA)(DG)(DT)(DT)(DG)(DT)(DG)(DG)(DT)(DC)(DG)(DT)(DA)(DT)(DG)(DC)(DC)(DT) C
#
loop_
_chem_comp.id
_chem_comp.type
_chem_comp.name
_chem_comp.formula
ACT non-polymer 'ACETATE ION' 'C2 H3 O2 -1'
DA DNA linking 2'-DEOXYADENOSINE-5'-MONOPHOSPHATE 'C10 H14 N5 O6 P'
DC DNA linking 2'-DEOXYCYTIDINE-5'-MONOPHOSPHATE 'C9 H14 N3 O7 P'
DG DNA linking 2'-DEOXYGUANOSINE-5'-MONOPHOSPHATE 'C10 H14 N5 O7 P'
DT DNA linking THYMIDINE-5'-MONOPHOSPHATE 'C10 H15 N2 O8 P'
DZ4 non-polymer 2'-deoxy-5'-O-[(R)-hydroxy{[(R)-hydroxy(phosphonooxy)phosphoryl]amino}phosphoryl]adenosine 'C10 H17 N6 O11 P3'
EDO non-polymer 1,2-ETHANEDIOL 'C2 H6 O2'
MG non-polymer 'MAGNESIUM ION' 'Mg 2'
TRS non-polymer 2-AMINO-2-HYDROXYMETHYL-PROPANE-1,3-DIOL 'C4 H12 N O3 1'
#
# COMPACT_ATOMS: atom_id res chain seq x y z
N MET A 1 25.94 -6.06 -3.42
CA MET A 1 24.52 -5.75 -3.36
C MET A 1 24.05 -5.10 -4.66
N ILE A 2 23.11 -5.74 -5.34
CA ILE A 2 22.56 -5.13 -6.54
C ILE A 2 21.59 -4.03 -6.12
N LEU A 3 21.85 -2.82 -6.60
CA LEU A 3 20.93 -1.71 -6.35
C LEU A 3 19.91 -1.59 -7.46
N ASP A 4 20.32 -1.76 -8.72
CA ASP A 4 19.36 -1.57 -9.80
C ASP A 4 19.89 -2.14 -11.11
N THR A 5 18.99 -2.29 -12.08
CA THR A 5 19.39 -2.59 -13.45
C THR A 5 18.62 -1.65 -14.37
N ASP A 6 19.28 -1.29 -15.46
CA ASP A 6 18.56 -0.66 -16.58
C ASP A 6 19.30 -1.08 -17.85
N TYR A 7 19.06 -0.37 -18.95
CA TYR A 7 19.81 -0.69 -20.14
C TYR A 7 20.01 0.59 -20.93
N ILE A 8 21.08 0.63 -21.71
CA ILE A 8 21.33 1.68 -22.68
C ILE A 8 21.43 1.02 -24.04
N THR A 9 21.42 1.82 -25.10
CA THR A 9 21.58 1.29 -26.45
C THR A 9 22.92 1.74 -27.01
N GLU A 10 23.68 0.78 -27.57
CA GLU A 10 24.94 1.06 -28.23
C GLU A 10 24.89 0.43 -29.61
N ASP A 11 25.02 1.27 -30.64
CA ASP A 11 24.97 0.86 -32.06
C ASP A 11 23.77 -0.01 -32.35
N GLY A 12 22.64 0.27 -31.70
CA GLY A 12 21.42 -0.43 -31.95
C GLY A 12 21.17 -1.60 -31.02
N LYS A 13 22.15 -1.99 -30.22
CA LYS A 13 22.00 -3.19 -29.40
C LYS A 13 21.86 -2.82 -27.93
N PRO A 14 20.98 -3.51 -27.18
CA PRO A 14 20.75 -3.16 -25.78
C PRO A 14 21.89 -3.66 -24.91
N VAL A 15 22.26 -2.85 -23.93
CA VAL A 15 23.35 -3.16 -23.03
C VAL A 15 22.82 -2.98 -21.62
N ILE A 16 22.77 -4.08 -20.87
CA ILE A 16 22.28 -4.07 -19.50
C ILE A 16 23.33 -3.42 -18.61
N ARG A 17 22.89 -2.52 -17.74
CA ARG A 17 23.72 -1.96 -16.70
C ARG A 17 23.20 -2.44 -15.36
N ILE A 18 24.09 -2.98 -14.52
CA ILE A 18 23.78 -3.40 -13.17
C ILE A 18 24.55 -2.47 -12.25
N PHE A 19 23.80 -1.69 -11.48
CA PHE A 19 24.38 -0.79 -10.50
C PHE A 19 24.47 -1.56 -9.19
N LYS A 20 25.70 -1.81 -8.74
CA LYS A 20 26.02 -2.58 -7.54
C LYS A 20 26.80 -1.72 -6.57
N LYS A 21 26.69 -2.05 -5.29
CA LYS A 21 27.55 -1.49 -4.26
C LYS A 21 28.24 -2.65 -3.55
N GLU A 22 29.57 -2.77 -3.74
CA GLU A 22 30.29 -3.90 -3.15
C GLU A 22 31.50 -3.43 -2.32
N ASN A 23 31.60 -3.97 -1.11
CA ASN A 23 32.61 -3.63 -0.10
C ASN A 23 32.91 -2.15 -0.07
N GLY A 24 31.84 -1.35 -0.09
CA GLY A 24 31.93 0.06 0.15
C GLY A 24 32.10 0.90 -1.09
N GLU A 25 32.21 0.30 -2.28
CA GLU A 25 32.39 1.10 -3.47
C GLU A 25 31.37 0.76 -4.55
N PHE A 26 30.97 1.80 -5.26
CA PHE A 26 29.97 1.72 -6.32
C PHE A 26 30.60 1.16 -7.59
N LYS A 27 29.86 0.30 -8.27
CA LYS A 27 30.36 -0.36 -9.48
C LYS A 27 29.23 -0.49 -10.47
N ILE A 28 29.56 -0.38 -11.76
CA ILE A 28 28.62 -0.62 -12.84
C ILE A 28 29.09 -1.84 -13.61
N GLU A 29 28.26 -2.89 -13.65
CA GLU A 29 28.54 -4.05 -14.49
C GLU A 29 27.73 -3.94 -15.77
N TYR A 30 28.37 -4.23 -16.88
CA TYR A 30 27.75 -4.22 -18.19
C TYR A 30 27.53 -5.64 -18.67
N ASP A 31 26.38 -5.90 -19.28
CA ASP A 31 26.10 -7.17 -19.94
C ASP A 31 25.60 -6.87 -21.34
N ARG A 32 26.32 -7.36 -22.36
CA ARG A 32 25.99 -7.09 -23.75
C ARG A 32 25.40 -8.30 -24.48
N THR A 33 25.14 -9.39 -23.78
CA THR A 33 24.74 -10.66 -24.39
C THR A 33 23.27 -11.00 -24.21
N PHE A 34 22.51 -10.24 -23.42
CA PHE A 34 21.13 -10.57 -23.14
C PHE A 34 20.22 -10.11 -24.28
N GLU A 35 19.46 -11.06 -24.86
CA GLU A 35 18.53 -10.75 -25.95
C GLU A 35 17.07 -10.73 -25.48
N PRO A 36 16.25 -9.82 -26.00
CA PRO A 36 14.82 -9.87 -25.71
C PRO A 36 14.16 -10.98 -26.53
N TYR A 37 13.01 -11.45 -26.04
CA TYR A 37 12.33 -12.56 -26.69
C TYR A 37 10.86 -12.56 -26.33
N LEU A 38 10.09 -13.29 -27.12
CA LEU A 38 8.72 -13.65 -26.74
C LEU A 38 8.52 -15.10 -27.14
N TYR A 39 7.40 -15.69 -26.69
CA TYR A 39 7.07 -17.06 -27.08
C TYR A 39 5.85 -17.05 -27.99
N ALA A 40 5.85 -17.92 -28.98
CA ALA A 40 4.70 -18.07 -29.86
C ALA A 40 4.27 -19.54 -29.89
N LEU A 41 2.97 -19.78 -29.73
CA LEU A 41 2.39 -21.10 -29.94
C LEU A 41 1.80 -21.16 -31.34
N LEU A 42 2.23 -22.13 -32.14
CA LEU A 42 1.81 -22.22 -33.54
C LEU A 42 0.93 -23.44 -33.79
N LYS A 43 0.06 -23.32 -34.80
CA LYS A 43 -0.84 -24.44 -35.18
C LYS A 43 0.00 -25.51 -35.89
N ASP A 44 0.80 -25.10 -36.88
CA ASP A 44 1.66 -26.02 -37.66
C ASP A 44 3.13 -25.65 -37.46
N ASP A 45 3.97 -26.62 -37.15
CA ASP A 45 5.43 -26.37 -36.92
C ASP A 45 6.10 -25.89 -38.21
N SER A 46 5.55 -26.27 -39.37
CA SER A 46 6.08 -25.87 -40.70
C SER A 46 5.87 -24.37 -40.98
N ALA A 47 4.87 -23.76 -40.32
CA ALA A 47 4.50 -22.33 -40.49
C ALA A 47 5.55 -21.35 -39.94
N ILE A 48 6.50 -21.81 -39.12
CA ILE A 48 7.52 -20.89 -38.53
C ILE A 48 8.33 -20.21 -39.64
N GLU A 49 8.67 -20.92 -40.71
CA GLU A 49 9.45 -20.36 -41.84
C GLU A 49 8.85 -19.02 -42.28
N GLU A 50 7.53 -18.88 -42.25
CA GLU A 50 6.94 -17.61 -42.66
C GLU A 50 6.50 -16.76 -41.47
N VAL A 51 6.97 -17.08 -40.27
CA VAL A 51 6.90 -16.12 -39.16
C VAL A 51 8.26 -15.47 -38.92
N LYS A 52 9.35 -16.08 -39.38
CA LYS A 52 10.62 -15.38 -39.44
C LYS A 52 10.61 -14.28 -40.49
N LYS A 53 9.66 -14.31 -41.43
CA LYS A 53 9.55 -13.25 -42.42
C LYS A 53 8.80 -12.02 -41.90
N ILE A 54 8.07 -12.14 -40.78
CA ILE A 54 7.33 -10.99 -40.29
C ILE A 54 8.30 -9.85 -40.03
N THR A 55 7.91 -8.66 -40.48
CA THR A 55 8.70 -7.45 -40.27
C THR A 55 7.79 -6.30 -39.86
N ALA A 56 8.37 -5.38 -39.08
CA ALA A 56 7.70 -4.13 -38.77
C ALA A 56 8.66 -2.97 -38.99
N GLU A 57 8.29 -1.76 -38.58
CA GLU A 57 9.19 -0.62 -38.62
C GLU A 57 9.10 0.10 -37.28
N ARG A 58 10.25 0.35 -36.65
CA ARG A 58 10.16 1.01 -35.35
C ARG A 58 9.78 2.46 -35.57
N HIS A 59 10.67 3.26 -36.16
CA HIS A 59 10.25 4.54 -36.71
C HIS A 59 11.03 4.87 -37.96
N GLY A 60 11.25 3.86 -38.81
CA GLY A 60 12.07 4.05 -39.98
C GLY A 60 13.14 3.00 -40.13
N THR A 61 13.42 2.29 -39.04
CA THR A 61 14.31 1.15 -39.05
C THR A 61 13.46 -0.12 -39.12
N VAL A 62 13.83 -1.05 -40.00
CA VAL A 62 13.04 -2.26 -40.23
C VAL A 62 13.36 -3.31 -39.18
N VAL A 63 12.32 -3.93 -38.64
CA VAL A 63 12.39 -4.84 -37.50
C VAL A 63 12.10 -6.24 -38.00
N THR A 64 12.99 -7.16 -37.67
CA THR A 64 12.88 -8.56 -38.08
C THR A 64 13.10 -9.44 -36.85
N VAL A 65 12.74 -10.72 -37.00
CA VAL A 65 12.96 -11.74 -35.98
C VAL A 65 14.40 -12.22 -36.08
N LYS A 66 15.19 -11.95 -35.04
CA LYS A 66 16.64 -12.22 -35.09
C LYS A 66 16.93 -13.72 -35.23
N ARG A 67 16.27 -14.56 -34.43
CA ARG A 67 16.39 -16.00 -34.57
C ARG A 67 15.31 -16.68 -33.72
N VAL A 68 15.21 -18.01 -33.87
CA VAL A 68 14.15 -18.78 -33.23
C VAL A 68 14.72 -20.06 -32.65
N GLU A 69 14.04 -20.56 -31.61
CA GLU A 69 14.45 -21.77 -30.92
C GLU A 69 13.20 -22.49 -30.43
N LYS A 70 13.07 -23.77 -30.76
CA LYS A 70 11.94 -24.58 -30.33
C LYS A 70 12.15 -25.06 -28.90
N VAL A 71 11.17 -24.82 -28.02
CA VAL A 71 11.30 -25.05 -26.58
C VAL A 71 10.09 -25.80 -26.03
N GLN A 72 10.32 -26.53 -24.94
CA GLN A 72 9.26 -27.22 -24.22
C GLN A 72 9.11 -26.60 -22.82
N LYS A 73 7.87 -26.29 -22.44
CA LYS A 73 7.58 -25.66 -21.16
C LYS A 73 6.29 -26.27 -20.60
N LYS A 74 5.95 -25.89 -19.37
CA LYS A 74 4.66 -26.25 -18.79
C LYS A 74 3.74 -25.04 -18.81
N PHE A 75 2.52 -25.24 -19.31
CA PHE A 75 1.47 -24.24 -19.25
C PHE A 75 0.29 -24.84 -18.50
N LEU A 76 -0.10 -24.22 -17.39
CA LEU A 76 -1.17 -24.72 -16.53
C LEU A 76 -0.97 -26.21 -16.25
N GLY A 77 0.25 -26.55 -15.84
CA GLY A 77 0.61 -27.90 -15.47
C GLY A 77 0.55 -28.92 -16.59
N ARG A 78 0.48 -28.49 -17.85
CA ARG A 78 0.51 -29.45 -18.94
C ARG A 78 1.64 -29.11 -19.89
N PRO A 79 2.34 -30.09 -20.43
CA PRO A 79 3.49 -29.79 -21.30
C PRO A 79 3.03 -29.14 -22.59
N VAL A 80 3.79 -28.14 -23.04
CA VAL A 80 3.48 -27.41 -24.26
C VAL A 80 4.78 -27.19 -25.04
N GLU A 81 4.69 -27.26 -26.35
CA GLU A 81 5.79 -26.92 -27.21
C GLU A 81 5.54 -25.54 -27.79
N VAL A 82 6.46 -24.59 -27.57
CA VAL A 82 6.35 -23.25 -28.11
C VAL A 82 7.66 -22.86 -28.78
N TRP A 83 7.63 -21.76 -29.51
CA TRP A 83 8.83 -21.24 -30.15
C TRP A 83 9.23 -19.96 -29.42
N LYS A 84 10.52 -19.87 -29.09
CA LYS A 84 11.14 -18.66 -28.55
C LYS A 84 11.67 -17.84 -29.72
N LEU A 85 11.14 -16.63 -29.90
CA LEU A 85 11.59 -15.71 -30.92
C LEU A 85 12.41 -14.62 -30.26
N TYR A 86 13.65 -14.44 -30.72
CA TYR A 86 14.56 -13.44 -30.19
C TYR A 86 14.58 -12.23 -31.11
N PHE A 87 14.84 -11.07 -30.53
CA PHE A 87 14.96 -9.84 -31.30
C PHE A 87 16.27 -9.17 -30.95
N THR A 88 16.69 -8.20 -31.79
CA THR A 88 17.92 -7.48 -31.46
C THR A 88 17.73 -6.55 -30.26
N HIS A 89 16.61 -5.81 -30.22
CA HIS A 89 16.38 -4.72 -29.26
C HIS A 89 15.00 -4.77 -28.61
N PRO A 90 14.88 -4.52 -27.30
CA PRO A 90 13.56 -4.69 -26.65
C PRO A 90 12.48 -3.79 -27.22
N GLN A 91 12.82 -2.67 -27.87
CA GLN A 91 11.76 -1.85 -28.48
C GLN A 91 11.23 -2.46 -29.75
N ASP A 92 11.88 -3.50 -30.28
CA ASP A 92 11.34 -4.22 -31.44
C ASP A 92 10.06 -4.93 -31.10
N VAL A 93 9.97 -5.47 -29.88
CA VAL A 93 8.83 -6.34 -29.53
C VAL A 93 7.49 -5.61 -29.66
N PRO A 94 7.26 -4.47 -29.01
CA PRO A 94 5.99 -3.76 -29.22
C PRO A 94 5.63 -3.50 -30.67
N ALA A 95 6.61 -3.39 -31.56
CA ALA A 95 6.31 -3.02 -32.94
C ALA A 95 5.94 -4.22 -33.80
N ILE A 96 6.37 -5.41 -33.42
CA ILE A 96 6.19 -6.58 -34.27
C ILE A 96 5.29 -7.64 -33.62
N MET A 97 5.08 -7.57 -32.30
CA MET A 97 4.25 -8.56 -31.61
C MET A 97 2.85 -8.61 -32.20
N ASP A 98 2.30 -7.46 -32.59
CA ASP A 98 0.93 -7.45 -33.08
C ASP A 98 0.83 -8.14 -34.44
N LYS A 99 1.84 -7.96 -35.30
CA LYS A 99 1.81 -8.64 -36.59
C LYS A 99 2.12 -10.12 -36.44
N ILE A 100 2.83 -10.51 -35.39
CA ILE A 100 3.00 -11.93 -35.11
C ILE A 100 1.68 -12.56 -34.64
N ARG A 101 1.10 -12.02 -33.56
CA ARG A 101 -0.12 -12.63 -33.03
C ARG A 101 -1.21 -12.70 -34.09
N GLU A 102 -1.33 -11.67 -34.91
CA GLU A 102 -2.35 -11.65 -35.95
C GLU A 102 -1.93 -12.41 -37.18
N HIS A 103 -0.91 -13.20 -37.10
CA HIS A 103 -0.63 -14.11 -38.19
C HIS A 103 -1.59 -15.30 -38.13
N PRO A 104 -1.95 -15.85 -39.29
CA PRO A 104 -2.86 -17.01 -39.30
C PRO A 104 -2.30 -18.26 -38.67
N ALA A 105 -0.99 -18.49 -38.77
CA ALA A 105 -0.38 -19.68 -38.20
C ALA A 105 -0.15 -19.56 -36.70
N VAL A 106 -0.34 -18.38 -36.11
CA VAL A 106 0.00 -18.16 -34.71
C VAL A 106 -1.27 -18.21 -33.88
N ILE A 107 -1.27 -19.10 -32.89
CA ILE A 107 -2.41 -19.25 -31.98
C ILE A 107 -2.41 -18.14 -30.95
N ASP A 108 -1.26 -17.89 -30.32
CA ASP A 108 -1.11 -16.85 -29.32
C ASP A 108 0.37 -16.63 -29.06
N ILE A 109 0.68 -15.48 -28.45
CA ILE A 109 2.02 -15.19 -28.00
C ILE A 109 2.00 -15.00 -26.49
N TYR A 110 3.19 -15.12 -25.88
CA TYR A 110 3.33 -15.07 -24.43
C TYR A 110 4.61 -14.34 -24.04
N GLU A 111 4.57 -13.71 -22.85
CA GLU A 111 5.75 -13.08 -22.23
C GLU A 111 6.38 -12.02 -23.13
N TYR A 112 5.51 -11.18 -23.69
CA TYR A 112 5.94 -10.16 -24.65
C TYR A 112 5.98 -8.78 -24.06
N ASP A 113 5.71 -8.63 -22.77
CA ASP A 113 5.58 -7.30 -22.18
C ASP A 113 6.21 -7.22 -20.78
N ILE A 114 7.18 -8.08 -20.48
CA ILE A 114 7.99 -7.92 -19.28
C ILE A 114 9.12 -6.94 -19.62
N PRO A 115 9.26 -5.84 -18.89
CA PRO A 115 10.30 -4.85 -19.24
C PRO A 115 11.69 -5.45 -19.11
N PHE A 116 12.57 -4.98 -20.00
CA PHE A 116 13.85 -5.63 -20.27
C PHE A 116 14.68 -5.82 -19.00
N ALA A 117 14.75 -4.81 -18.12
CA ALA A 117 15.66 -4.93 -16.98
C ALA A 117 15.09 -5.87 -15.92
N ILE A 118 13.76 -5.82 -15.75
CA ILE A 118 13.04 -6.78 -14.92
C ILE A 118 13.23 -8.21 -15.45
N ARG A 119 13.06 -8.37 -16.75
CA ARG A 119 13.38 -9.64 -17.39
C ARG A 119 14.81 -10.09 -17.07
N TYR A 120 15.77 -9.16 -17.09
CA TYR A 120 17.16 -9.53 -16.80
C TYR A 120 17.29 -10.08 -15.38
N LEU A 121 16.77 -9.34 -14.41
CA LEU A 121 16.88 -9.82 -13.04
C LEU A 121 16.26 -11.20 -12.91
N ILE A 122 15.14 -11.43 -13.60
CA ILE A 122 14.44 -12.69 -13.44
C ILE A 122 15.23 -13.83 -14.07
N ASP A 123 15.65 -13.65 -15.32
CA ASP A 123 16.28 -14.76 -16.03
C ASP A 123 17.68 -15.06 -15.53
N LYS A 124 18.33 -14.08 -14.90
CA LYS A 124 19.65 -14.34 -14.36
C LYS A 124 19.61 -14.80 -12.91
N GLY A 125 18.42 -14.83 -12.31
CA GLY A 125 18.30 -15.23 -10.92
C GLY A 125 18.93 -14.25 -9.95
N LEU A 126 19.17 -13.02 -10.36
CA LEU A 126 19.69 -11.98 -9.49
C LEU A 126 18.58 -11.38 -8.65
N VAL A 127 18.92 -11.02 -7.41
CA VAL A 127 17.95 -10.50 -6.45
C VAL A 127 18.56 -9.25 -5.81
N PRO A 128 17.95 -8.08 -5.97
CA PRO A 128 18.52 -6.86 -5.39
C PRO A 128 18.44 -6.83 -3.87
N MET A 129 19.17 -5.85 -3.31
CA MET A 129 19.21 -5.56 -1.88
C MET A 129 19.69 -6.74 -1.03
N GLU A 130 20.40 -7.68 -1.62
CA GLU A 130 20.90 -8.80 -0.83
C GLU A 130 22.26 -8.46 -0.25
N GLY A 131 22.62 -9.17 0.81
CA GLY A 131 23.90 -8.94 1.45
C GLY A 131 23.83 -7.90 2.55
N ASP A 132 25.01 -7.57 3.06
CA ASP A 132 25.13 -6.83 4.31
C ASP A 132 25.88 -5.52 4.12
N GLU A 133 25.77 -4.92 2.94
CA GLU A 133 26.41 -3.63 2.69
C GLU A 133 25.54 -2.52 3.25
N GLU A 134 26.17 -1.52 3.87
CA GLU A 134 25.47 -0.42 4.48
C GLU A 134 25.37 0.72 3.47
N LEU A 135 24.15 1.18 3.22
CA LEU A 135 23.94 2.26 2.27
C LEU A 135 23.97 3.63 2.95
N LYS A 136 24.49 4.60 2.22
CA LYS A 136 24.56 5.97 2.70
C LYS A 136 23.29 6.71 2.31
N LEU A 137 22.63 7.33 3.28
CA LEU A 137 21.32 7.96 3.09
C LEU A 137 21.44 9.48 3.13
N LEU A 138 20.64 10.15 2.29
CA LEU A 138 20.58 11.60 2.31
C LEU A 138 19.17 12.05 1.92
N ALA A 139 18.54 12.86 2.76
CA ALA A 139 17.22 13.41 2.51
C ALA A 139 17.34 14.85 2.03
N PHE A 140 16.41 15.27 1.17
CA PHE A 140 16.43 16.67 0.76
C PHE A 140 15.02 17.16 0.46
N ASP A 141 14.86 18.48 0.57
CA ASP A 141 13.60 19.17 0.31
C ASP A 141 13.92 20.55 -0.27
N ILE A 142 12.94 21.15 -0.94
CA ILE A 142 13.10 22.50 -1.44
C ILE A 142 11.88 23.30 -1.00
N GLU A 143 12.07 24.62 -0.88
CA GLU A 143 11.01 25.57 -0.61
C GLU A 143 11.05 26.65 -1.69
N THR A 144 9.89 26.91 -2.30
CA THR A 144 9.74 27.72 -3.50
C THR A 144 8.83 28.92 -3.22
N LEU A 145 8.83 29.85 -4.17
CA LEU A 145 8.05 31.08 -4.09
C LEU A 145 6.73 30.84 -4.82
N TYR A 146 5.62 30.82 -4.10
CA TYR A 146 4.33 30.43 -4.66
C TYR A 146 3.35 31.59 -4.70
N HIS A 147 2.63 31.69 -5.82
CA HIS A 147 1.52 32.62 -6.03
C HIS A 147 0.43 31.84 -6.71
N GLU A 148 -0.83 32.30 -6.65
CA GLU A 148 -1.92 31.41 -7.03
C GLU A 148 -2.10 31.32 -8.54
N GLY A 149 -2.00 32.45 -9.25
CA GLY A 149 -2.24 32.39 -10.68
C GLY A 149 -1.14 31.75 -11.51
N GLU A 150 0.02 31.46 -10.92
CA GLU A 150 1.24 31.23 -11.67
C GLU A 150 1.30 29.84 -12.31
N GLU A 151 2.02 29.76 -13.42
CA GLU A 151 2.40 28.54 -14.09
C GLU A 151 3.43 27.78 -13.26
N PHE A 152 3.62 26.51 -13.59
CA PHE A 152 4.47 25.66 -12.77
C PHE A 152 5.93 26.10 -12.81
N ALA A 153 6.50 26.25 -11.62
CA ALA A 153 7.90 26.69 -11.44
C ALA A 153 8.10 28.08 -12.03
N GLU A 154 7.02 28.86 -12.07
CA GLU A 154 7.14 30.27 -12.43
C GLU A 154 8.07 31.00 -11.48
N GLY A 155 7.96 30.73 -10.18
CA GLY A 155 8.74 31.43 -9.19
C GLY A 155 10.02 30.70 -8.86
N PRO A 156 10.99 31.40 -8.31
CA PRO A 156 12.28 30.78 -7.99
C PRO A 156 12.17 29.77 -6.86
N ILE A 157 13.20 28.93 -6.72
CA ILE A 157 13.38 28.15 -5.51
C ILE A 157 14.03 29.04 -4.46
N LEU A 158 13.45 29.05 -3.26
CA LEU A 158 13.96 29.90 -2.19
C LEU A 158 15.05 29.23 -1.37
N MET A 159 14.82 27.99 -0.95
CA MET A 159 15.79 27.28 -0.13
C MET A 159 15.84 25.82 -0.53
N ILE A 160 16.99 25.21 -0.28
CA ILE A 160 17.18 23.77 -0.44
C ILE A 160 17.74 23.25 0.87
N SER A 161 16.99 22.41 1.57
CA SER A 161 17.48 21.82 2.81
C SER A 161 17.83 20.36 2.56
N TYR A 162 18.78 19.86 3.34
CA TYR A 162 19.16 18.46 3.25
C TYR A 162 19.59 17.99 4.63
N ALA A 163 19.52 16.68 4.83
CA ALA A 163 19.74 16.10 6.15
C ALA A 163 20.25 14.68 6.02
N ASP A 164 21.13 14.31 6.96
CA ASP A 164 21.72 12.95 7.02
C ASP A 164 22.18 12.67 8.46
N GLU A 165 23.06 11.68 8.65
CA GLU A 165 23.53 11.33 10.01
C GLU A 165 24.29 12.52 10.63
N GLU A 166 25.10 13.21 9.83
CA GLU A 166 25.91 14.36 10.31
C GLU A 166 25.00 15.49 10.82
N GLY A 167 23.88 15.74 10.14
CA GLY A 167 22.97 16.82 10.59
C GLY A 167 22.13 17.36 9.44
N ALA A 168 21.45 18.49 9.68
CA ALA A 168 20.61 19.09 8.65
C ALA A 168 21.05 20.52 8.37
N ARG A 169 21.12 20.89 7.08
CA ARG A 169 21.52 22.23 6.66
C ARG A 169 20.52 22.77 5.63
N VAL A 170 20.59 24.09 5.44
CA VAL A 170 19.74 24.82 4.49
C VAL A 170 20.64 25.71 3.64
N ILE A 171 20.56 25.59 2.33
CA ILE A 171 21.21 26.49 1.40
C ILE A 171 20.18 27.51 0.92
N THR A 172 20.51 28.79 1.01
CA THR A 172 19.59 29.83 0.56
C THR A 172 20.39 31.03 0.07
N TRP A 173 19.68 32.01 -0.52
CA TRP A 173 20.33 33.16 -1.16
C TRP A 173 19.76 34.50 -0.68
N LYS A 174 19.15 34.54 0.50
CA LYS A 174 19.01 35.75 1.30
C LYS A 174 19.64 35.47 2.65
N ASN A 175 20.11 36.52 3.33
CA ASN A 175 20.90 36.28 4.53
C ASN A 175 20.03 35.87 5.71
N VAL A 176 20.49 34.85 6.45
CA VAL A 176 19.77 34.24 7.55
C VAL A 176 20.79 33.78 8.59
N ASP A 177 20.67 34.30 9.81
CA ASP A 177 21.72 34.12 10.83
C ASP A 177 21.34 32.98 11.76
N LEU A 178 21.62 31.76 11.31
CA LEU A 178 21.47 30.52 12.07
C LEU A 178 22.65 29.62 11.73
N PRO A 179 23.14 28.83 12.69
CA PRO A 179 24.40 28.10 12.46
C PRO A 179 24.34 27.13 11.32
N TYR A 180 23.16 26.57 11.04
CA TYR A 180 23.01 25.51 10.06
C TYR A 180 22.56 26.02 8.69
N VAL A 181 22.69 27.31 8.42
CA VAL A 181 22.19 27.92 7.19
C VAL A 181 23.36 28.49 6.41
N ASP A 182 23.46 28.11 5.13
CA ASP A 182 24.52 28.51 4.24
C ASP A 182 23.95 29.42 3.15
N VAL A 183 24.38 30.69 3.16
CA VAL A 183 23.90 31.72 2.26
C VAL A 183 24.82 31.79 1.04
N VAL A 184 24.23 31.89 -0.14
CA VAL A 184 24.97 32.07 -1.39
C VAL A 184 24.35 33.24 -2.14
N SER A 185 24.95 33.58 -3.28
CA SER A 185 24.64 34.83 -3.96
C SER A 185 23.28 34.80 -4.67
N THR A 186 22.98 33.69 -5.35
CA THR A 186 21.82 33.60 -6.23
C THR A 186 21.18 32.22 -6.13
N GLU A 187 19.95 32.13 -6.63
CA GLU A 187 19.29 30.84 -6.76
C GLU A 187 20.14 29.87 -7.57
N ARG A 188 20.74 30.36 -8.65
CA ARG A 188 21.62 29.55 -9.46
C ARG A 188 22.78 29.01 -8.63
N GLU A 189 23.42 29.86 -7.82
CA GLU A 189 24.51 29.40 -6.98
C GLU A 189 24.03 28.42 -5.92
N MET A 190 22.79 28.58 -5.43
CA MET A 190 22.24 27.65 -4.45
C MET A 190 22.05 26.26 -5.05
N ILE A 191 21.52 26.20 -6.27
CA ILE A 191 21.36 24.90 -6.89
C ILE A 191 22.71 24.27 -7.21
N LYS A 192 23.66 25.07 -7.72
CA LYS A 192 25.01 24.53 -7.97
C LYS A 192 25.62 23.97 -6.70
N ARG A 193 25.50 24.72 -5.58
CA ARG A 193 26.07 24.26 -4.32
C ARG A 193 25.41 22.99 -3.83
N PHE A 194 24.08 22.92 -3.92
CA PHE A 194 23.40 21.69 -3.53
C PHE A 194 23.89 20.50 -4.35
N LEU A 195 24.04 20.68 -5.66
CA LEU A 195 24.53 19.59 -6.51
C LEU A 195 25.94 19.17 -6.10
N ARG A 196 26.79 20.15 -5.80
CA ARG A 196 28.12 19.86 -5.26
C ARG A 196 28.01 19.05 -3.96
N VAL A 197 27.04 19.39 -3.11
CA VAL A 197 26.88 18.68 -1.81
C VAL A 197 26.59 17.19 -2.08
N VAL A 198 25.62 16.90 -2.96
CA VAL A 198 25.24 15.50 -3.25
C VAL A 198 26.43 14.75 -3.86
N LYS A 199 27.15 15.40 -4.78
CA LYS A 199 28.32 14.77 -5.44
C LYS A 199 29.39 14.46 -4.40
N GLU A 200 29.60 15.36 -3.44
CA GLU A 200 30.61 15.15 -2.37
C GLU A 200 30.16 14.04 -1.45
N LYS A 201 28.92 14.12 -0.94
CA LYS A 201 28.43 13.11 -0.01
C LYS A 201 28.20 11.78 -0.70
N ASP A 202 27.77 11.81 -1.96
CA ASP A 202 27.59 10.61 -2.77
C ASP A 202 26.69 9.57 -2.09
N PRO A 203 25.41 9.89 -1.86
CA PRO A 203 24.54 8.93 -1.18
C PRO A 203 24.05 7.82 -2.11
N ASP A 204 23.86 6.64 -1.51
CA ASP A 204 23.23 5.55 -2.24
C ASP A 204 21.73 5.76 -2.35
N VAL A 205 21.11 6.34 -1.32
CA VAL A 205 19.67 6.59 -1.30
C VAL A 205 19.44 8.09 -1.15
N LEU A 206 18.68 8.67 -2.09
CA LEU A 206 18.13 10.01 -1.98
C LEU A 206 16.68 9.92 -1.50
N ILE A 207 16.38 10.51 -0.35
CA ILE A 207 15.05 10.45 0.25
C ILE A 207 14.31 11.75 0.01
N THR A 208 13.09 11.66 -0.49
CA THR A 208 12.22 12.83 -0.55
C THR A 208 10.85 12.49 0.02
N TYR A 209 10.01 13.51 0.09
CA TYR A 209 8.60 13.37 0.43
C TYR A 209 7.77 13.96 -0.70
N ASP A 210 7.32 13.08 -1.62
CA ASP A 210 6.67 13.42 -2.88
C ASP A 210 7.62 14.13 -3.85
N GLY A 211 8.93 13.87 -3.76
CA GLY A 211 9.83 14.34 -4.80
C GLY A 211 9.47 13.86 -6.19
N ASP A 212 8.74 12.73 -6.28
CA ASP A 212 8.33 12.19 -7.59
C ASP A 212 7.48 13.20 -8.36
N ASN A 213 6.68 14.01 -7.67
CA ASN A 213 5.69 14.83 -8.34
C ASN A 213 5.89 16.33 -8.18
N PHE A 214 6.77 16.78 -7.29
CA PHE A 214 7.06 18.20 -7.17
C PHE A 214 8.54 18.55 -7.30
N ASP A 215 9.41 18.00 -6.45
CA ASP A 215 10.72 18.61 -6.24
C ASP A 215 11.59 18.52 -7.48
N PHE A 216 11.65 17.33 -8.08
CA PHE A 216 12.54 17.11 -9.19
C PHE A 216 12.05 17.86 -10.42
N ALA A 217 10.75 17.93 -10.64
CA ALA A 217 10.24 18.67 -11.80
C ALA A 217 10.47 20.17 -11.64
N TYR A 218 10.29 20.69 -10.41
CA TYR A 218 10.63 22.08 -10.13
C TYR A 218 12.10 22.35 -10.39
N LEU A 219 12.97 21.47 -9.89
CA LEU A 219 14.39 21.64 -10.11
C LEU A 219 14.72 21.60 -11.59
N LYS A 220 14.03 20.75 -12.34
CA LYS A 220 14.35 20.64 -13.76
C LYS A 220 13.96 21.91 -14.50
N LYS A 221 12.76 22.45 -14.21
CA LYS A 221 12.35 23.70 -14.84
C LYS A 221 13.31 24.84 -14.50
N ARG A 222 13.73 24.92 -13.22
CA ARG A 222 14.63 26.00 -12.85
C ARG A 222 16.00 25.84 -13.49
N CYS A 223 16.52 24.61 -13.55
CA CYS A 223 17.81 24.41 -14.20
C CYS A 223 17.76 24.69 -15.68
N GLU A 224 16.62 24.42 -16.33
CA GLU A 224 16.49 24.77 -17.73
C GLU A 224 16.49 26.28 -17.90
N LYS A 225 15.85 27.01 -16.98
CA LYS A 225 15.90 28.45 -17.17
C LYS A 225 17.25 29.05 -16.77
N LEU A 226 17.94 28.48 -15.78
CA LEU A 226 19.20 29.02 -15.27
C LEU A 226 20.42 28.48 -15.99
N GLY A 227 20.27 27.46 -16.82
CA GLY A 227 21.39 26.87 -17.50
C GLY A 227 22.30 26.05 -16.60
N ILE A 228 21.72 25.18 -15.79
CA ILE A 228 22.48 24.24 -14.97
C ILE A 228 22.39 22.86 -15.60
N ASN A 229 23.53 22.17 -15.69
CA ASN A 229 23.52 20.73 -15.91
C ASN A 229 23.28 20.05 -14.56
N PHE A 230 22.07 19.53 -14.37
CA PHE A 230 21.70 18.98 -13.06
C PHE A 230 22.12 17.51 -12.93
N ALA A 231 23.43 17.31 -12.78
CA ALA A 231 24.01 15.98 -12.97
C ALA A 231 24.00 15.19 -11.65
N LEU A 232 22.81 14.77 -11.23
CA LEU A 232 22.67 14.05 -9.96
C LEU A 232 23.09 12.60 -10.03
N GLY A 233 22.95 11.95 -11.19
CA GLY A 233 23.25 10.54 -11.29
C GLY A 233 24.74 10.25 -11.13
N ARG A 234 25.02 9.00 -10.73
CA ARG A 234 26.41 8.59 -10.56
C ARG A 234 27.12 8.38 -11.88
N ASP A 235 26.38 8.18 -12.98
CA ASP A 235 26.95 8.15 -14.31
C ASP A 235 26.93 9.51 -14.97
N GLY A 236 26.59 10.57 -14.23
CA GLY A 236 26.60 11.92 -14.73
C GLY A 236 25.30 12.39 -15.33
N SER A 237 24.25 11.59 -15.23
CA SER A 237 22.98 11.94 -15.87
C SER A 237 22.14 12.81 -14.94
N GLU A 238 21.13 13.45 -15.53
CA GLU A 238 20.12 14.19 -14.79
C GLU A 238 19.01 13.25 -14.35
N PRO A 239 18.26 13.59 -13.30
CA PRO A 239 17.10 12.77 -12.91
C PRO A 239 16.21 12.49 -14.10
N LYS A 240 15.72 11.26 -14.20
CA LYS A 240 14.89 10.82 -15.30
C LYS A 240 13.45 10.77 -14.81
N ILE A 241 12.62 11.67 -15.32
CA ILE A 241 11.22 11.81 -14.92
C ILE A 241 10.38 11.02 -15.91
N GLN A 242 9.47 10.19 -15.41
CA GLN A 242 8.64 9.37 -16.32
C GLN A 242 7.21 9.29 -15.78
N ARG A 243 6.26 9.05 -16.67
CA ARG A 243 4.84 8.94 -16.27
C ARG A 243 4.55 7.53 -15.75
N MET A 244 3.97 7.44 -14.56
CA MET A 244 3.55 6.17 -13.92
C MET A 244 2.05 6.31 -13.71
N GLY A 245 1.23 5.73 -14.59
CA GLY A 245 -0.20 5.97 -14.49
C GLY A 245 -0.52 7.44 -14.67
N ASP A 246 -1.24 8.01 -13.70
CA ASP A 246 -1.64 9.41 -13.74
C ASP A 246 -0.68 10.33 -13.01
N ARG A 247 0.43 9.79 -12.49
CA ARG A 247 1.37 10.66 -11.80
C ARG A 247 2.72 10.44 -12.45
N PHE A 248 3.78 10.94 -11.83
CA PHE A 248 5.13 10.79 -12.34
C PHE A 248 5.97 10.08 -11.30
N ALA A 249 7.13 9.60 -11.74
CA ALA A 249 8.13 9.05 -10.85
C ALA A 249 9.51 9.40 -11.40
N VAL A 250 10.48 9.51 -10.49
CA VAL A 250 11.80 10.02 -10.85
C VAL A 250 12.84 9.00 -10.44
N GLU A 251 13.75 8.70 -11.37
CA GLU A 251 14.94 7.89 -11.14
C GLU A 251 16.15 8.81 -11.03
N VAL A 252 17.14 8.39 -10.25
CA VAL A 252 18.45 9.02 -10.26
C VAL A 252 19.47 7.90 -10.46
N LYS A 253 19.93 7.74 -11.70
CA LYS A 253 20.74 6.59 -12.07
C LYS A 253 21.91 6.41 -11.12
N GLY A 254 22.06 5.18 -10.62
CA GLY A 254 23.13 4.83 -9.73
C GLY A 254 22.81 5.02 -8.26
N ARG A 255 21.80 5.82 -7.96
CA ARG A 255 21.26 5.93 -6.61
C ARG A 255 19.85 5.37 -6.61
N ILE A 256 19.25 5.39 -5.44
CA ILE A 256 17.86 4.97 -5.32
C ILE A 256 17.09 6.20 -4.87
N HIS A 257 16.17 6.68 -5.70
CA HIS A 257 15.26 7.73 -5.23
C HIS A 257 14.18 7.05 -4.41
N PHE A 258 14.31 7.12 -3.09
CA PHE A 258 13.31 6.63 -2.14
C PHE A 258 12.38 7.80 -1.84
N ASP A 259 11.21 7.78 -2.48
CA ASP A 259 10.16 8.74 -2.19
C ASP A 259 9.25 8.13 -1.13
N LEU A 260 9.24 8.72 0.06
CA LEU A 260 8.51 8.14 1.19
C LEU A 260 6.99 8.19 1.02
N TYR A 261 6.47 9.08 0.17
CA TYR A 261 5.02 9.32 0.17
C TYR A 261 4.22 8.07 -0.19
N PRO A 262 4.44 7.40 -1.34
CA PRO A 262 3.68 6.15 -1.60
C PRO A 262 3.92 5.08 -0.56
N VAL A 263 5.17 4.93 -0.13
CA VAL A 263 5.52 3.95 0.88
C VAL A 263 4.64 4.12 2.10
N ILE A 264 4.60 5.33 2.65
CA ILE A 264 3.88 5.55 3.90
C ILE A 264 2.37 5.45 3.68
N ARG A 265 1.87 5.93 2.53
CA ARG A 265 0.44 5.82 2.27
C ARG A 265 -0.02 4.38 2.36
N ARG A 266 0.78 3.46 1.81
CA ARG A 266 0.32 2.09 1.82
C ARG A 266 0.78 1.32 3.05
N THR A 267 1.69 1.87 3.84
CA THR A 267 2.14 1.18 5.06
C THR A 267 1.32 1.53 6.30
N ILE A 268 0.89 2.78 6.48
CA ILE A 268 0.13 3.15 7.67
C ILE A 268 -1.11 3.93 7.26
N ASN A 269 -2.18 3.73 8.04
CA ASN A 269 -3.48 4.35 7.80
C ASN A 269 -3.60 5.55 8.74
N LEU A 270 -3.52 6.75 8.16
CA LEU A 270 -3.66 8.01 8.87
C LEU A 270 -4.82 8.80 8.29
N PRO A 271 -5.42 9.71 9.07
CA PRO A 271 -6.48 10.56 8.49
C PRO A 271 -5.96 11.49 7.40
N THR A 272 -4.75 12.03 7.57
CA THR A 272 -4.14 12.87 6.56
C THR A 272 -2.65 12.53 6.48
N TYR A 273 -2.05 12.76 5.33
CA TYR A 273 -0.68 12.32 5.12
C TYR A 273 0.27 13.50 4.93
N THR A 274 -0.02 14.62 5.57
CA THR A 274 0.98 15.69 5.62
C THR A 274 2.23 15.19 6.36
N LEU A 275 3.37 15.77 6.01
CA LEU A 275 4.62 15.35 6.64
C LEU A 275 4.54 15.51 8.16
N GLU A 276 3.88 16.57 8.62
CA GLU A 276 3.72 16.81 10.06
C GLU A 276 2.96 15.68 10.71
N ALA A 277 1.83 15.30 10.11
CA ALA A 277 1.00 14.26 10.70
C ALA A 277 1.73 12.92 10.67
N VAL A 278 2.43 12.62 9.57
CA VAL A 278 3.16 11.37 9.49
C VAL A 278 4.23 11.32 10.58
N TYR A 279 5.00 12.40 10.74
CA TYR A 279 6.08 12.41 11.72
C TYR A 279 5.54 12.27 13.14
N GLU A 280 4.46 12.97 13.47
CA GLU A 280 3.91 12.82 14.82
C GLU A 280 3.27 11.45 15.04
N ALA A 281 2.83 10.80 13.98
CA ALA A 281 2.28 9.45 14.12
C ALA A 281 3.40 8.44 14.32
N VAL A 282 4.53 8.62 13.64
CA VAL A 282 5.60 7.64 13.69
C VAL A 282 6.48 7.84 14.92
N PHE A 283 6.72 9.09 15.33
CA PHE A 283 7.63 9.37 16.43
C PHE A 283 7.00 10.06 17.63
N GLY A 284 5.73 10.48 17.54
CA GLY A 284 5.02 11.04 18.68
C GLY A 284 5.34 12.47 19.03
N GLN A 285 6.24 13.14 18.28
CA GLN A 285 6.58 14.53 18.51
C GLN A 285 5.89 15.41 17.49
N PRO A 286 5.31 16.53 17.88
CA PRO A 286 4.69 17.42 16.90
C PRO A 286 5.73 18.19 16.09
N LYS A 287 5.25 18.73 14.97
CA LYS A 287 6.06 19.55 14.06
C LYS A 287 5.16 20.65 13.52
N GLU A 288 5.65 21.88 13.51
CA GLU A 288 4.83 23.01 13.05
C GLU A 288 4.93 23.18 11.54
N LYS A 289 3.79 23.52 10.93
CA LYS A 289 3.71 23.84 9.51
C LYS A 289 3.76 25.36 9.30
N VAL A 290 4.44 25.77 8.24
CA VAL A 290 4.43 27.14 7.73
C VAL A 290 3.86 27.10 6.32
N TYR A 291 2.83 27.89 6.06
CA TYR A 291 2.14 27.78 4.78
C TYR A 291 2.85 28.60 3.70
N ALA A 292 2.56 28.26 2.44
CA ALA A 292 3.26 28.88 1.32
C ALA A 292 3.06 30.38 1.30
N GLU A 293 1.84 30.85 1.58
CA GLU A 293 1.60 32.28 1.62
C GLU A 293 2.49 32.95 2.66
N GLU A 294 2.63 32.32 3.83
CA GLU A 294 3.53 32.86 4.85
C GLU A 294 4.96 32.94 4.31
N ILE A 295 5.43 31.85 3.71
CA ILE A 295 6.79 31.82 3.22
C ILE A 295 7.03 32.94 2.20
N THR A 296 6.04 33.18 1.35
CA THR A 296 6.19 34.19 0.31
C THR A 296 6.17 35.60 0.90
N THR A 297 5.16 35.90 1.73
CA THR A 297 5.12 37.21 2.37
C THR A 297 6.42 37.48 3.11
N ALA A 298 6.96 36.46 3.79
CA ALA A 298 8.24 36.59 4.48
C ALA A 298 9.37 36.92 3.50
N TRP A 299 9.47 36.16 2.40
CA TRP A 299 10.57 36.37 1.47
C TRP A 299 10.51 37.75 0.82
N GLU A 300 9.30 38.27 0.59
CA GLU A 300 9.18 39.51 -0.17
C GLU A 300 9.44 40.73 0.69
N THR A 301 9.26 40.60 2.00
CA THR A 301 9.52 41.64 2.99
C THR A 301 10.79 41.38 3.78
N GLY A 302 11.46 40.25 3.55
CA GLY A 302 12.62 39.86 4.32
C GLY A 302 12.37 39.67 5.80
N GLU A 303 11.11 39.52 6.22
CA GLU A 303 10.74 39.80 7.61
C GLU A 303 11.21 38.69 8.55
N ASN A 304 10.66 37.48 8.37
CA ASN A 304 10.78 36.47 9.40
C ASN A 304 11.38 35.21 8.81
N LEU A 305 12.50 35.35 8.10
CA LEU A 305 13.06 34.21 7.39
C LEU A 305 13.69 33.17 8.32
N GLU A 306 14.10 33.58 9.53
CA GLU A 306 14.57 32.60 10.51
C GLU A 306 13.53 31.51 10.74
N ARG A 307 12.26 31.91 10.92
CA ARG A 307 11.19 30.95 11.10
C ARG A 307 11.06 30.02 9.90
N VAL A 308 11.15 30.56 8.68
CA VAL A 308 11.00 29.74 7.49
C VAL A 308 12.24 28.90 7.25
N ALA A 309 13.43 29.40 7.60
CA ALA A 309 14.62 28.55 7.55
C ALA A 309 14.48 27.34 8.48
N ARG A 310 13.99 27.57 9.71
CA ARG A 310 13.74 26.46 10.61
C ARG A 310 12.72 25.48 10.03
N TYR A 311 11.64 25.99 9.42
CA TYR A 311 10.67 25.10 8.79
C TYR A 311 11.34 24.21 7.74
N SER A 312 12.16 24.83 6.88
CA SER A 312 12.81 24.11 5.78
C SER A 312 13.78 23.04 6.30
N MET A 313 14.62 23.42 7.26
CA MET A 313 15.52 22.50 7.92
C MET A 313 14.77 21.33 8.54
N GLU A 314 13.66 21.60 9.24
CA GLU A 314 12.91 20.53 9.90
C GLU A 314 12.30 19.57 8.87
N ASP A 315 11.78 20.12 7.77
CA ASP A 315 11.31 19.28 6.66
C ASP A 315 12.37 18.25 6.29
N ALA A 316 13.60 18.73 6.04
CA ALA A 316 14.66 17.80 5.64
C ALA A 316 14.96 16.77 6.74
N LYS A 317 15.10 17.22 7.99
CA LYS A 317 15.53 16.32 9.06
C LYS A 317 14.51 15.22 9.32
N VAL A 318 13.22 15.56 9.34
CA VAL A 318 12.21 14.51 9.56
C VAL A 318 12.09 13.61 8.33
N THR A 319 12.30 14.13 7.12
CA THR A 319 12.33 13.25 5.96
C THR A 319 13.47 12.25 6.07
N TYR A 320 14.62 12.68 6.58
CA TYR A 320 15.73 11.76 6.77
C TYR A 320 15.38 10.67 7.77
N GLU A 321 14.81 11.05 8.91
CA GLU A 321 14.57 10.07 9.96
C GLU A 321 13.46 9.10 9.56
N LEU A 322 12.40 9.60 8.92
CA LEU A 322 11.37 8.71 8.38
C LEU A 322 11.97 7.76 7.36
N GLY A 323 12.79 8.26 6.43
CA GLY A 323 13.41 7.36 5.48
C GLY A 323 14.21 6.29 6.18
N LYS A 324 14.93 6.68 7.22
CA LYS A 324 15.78 5.74 7.94
C LYS A 324 14.95 4.66 8.64
N GLU A 325 13.69 4.98 8.99
CA GLU A 325 12.87 3.98 9.67
C GLU A 325 12.00 3.16 8.71
N PHE A 326 11.75 3.65 7.51
CA PHE A 326 10.94 2.87 6.59
C PHE A 326 11.75 2.10 5.56
N LEU A 327 13.01 2.45 5.35
CA LEU A 327 13.79 1.76 4.34
C LEU A 327 13.98 0.27 4.60
N PRO A 328 14.35 -0.18 5.81
CA PRO A 328 14.63 -1.63 5.98
C PRO A 328 13.47 -2.54 5.64
N MET A 329 12.26 -2.17 6.04
CA MET A 329 11.10 -2.97 5.70
C MET A 329 10.93 -3.07 4.19
N GLU A 330 11.07 -1.94 3.48
CA GLU A 330 10.86 -1.94 2.03
C GLU A 330 11.97 -2.70 1.33
N ALA A 331 13.16 -2.71 1.91
CA ALA A 331 14.23 -3.52 1.33
C ALA A 331 13.97 -5.01 1.52
N GLN A 332 13.39 -5.41 2.66
CA GLN A 332 13.05 -6.81 2.83
C GLN A 332 11.96 -7.24 1.86
N LEU A 333 10.95 -6.38 1.69
CA LEU A 333 9.92 -6.64 0.70
C LEU A 333 10.53 -6.81 -0.69
N SER A 334 11.47 -5.94 -1.05
CA SER A 334 12.09 -5.99 -2.37
C SER A 334 12.95 -7.25 -2.55
N ARG A 335 13.60 -7.70 -1.47
CA ARG A 335 14.36 -8.95 -1.53
C ARG A 335 13.44 -10.17 -1.69
N LEU A 336 12.21 -10.10 -1.15
CA LEU A 336 11.25 -11.20 -1.30
C LEU A 336 10.60 -11.22 -2.69
N ILE A 337 10.13 -10.05 -3.16
CA ILE A 337 9.58 -9.92 -4.50
C ILE A 337 10.64 -10.21 -5.56
N GLY A 338 11.88 -9.80 -5.28
CA GLY A 338 12.96 -10.03 -6.20
C GLY A 338 13.15 -8.94 -7.23
N GLN A 339 12.80 -7.70 -6.89
CA GLN A 339 12.95 -6.61 -7.86
C GLN A 339 13.52 -5.40 -7.12
N SER A 340 13.96 -4.42 -7.89
CA SER A 340 14.66 -3.27 -7.31
C SER A 340 13.77 -2.51 -6.33
N LEU A 341 14.40 -1.89 -5.33
CA LEU A 341 13.63 -1.18 -4.33
C LEU A 341 12.84 -0.04 -4.95
N TRP A 342 13.43 0.62 -5.95
CA TRP A 342 12.71 1.66 -6.68
C TRP A 342 11.41 1.14 -7.27
N ASP A 343 11.42 -0.07 -7.80
CA ASP A 343 10.22 -0.62 -8.39
C ASP A 343 9.22 -1.02 -7.31
N VAL A 344 9.69 -1.75 -6.31
CA VAL A 344 8.80 -2.31 -5.29
C VAL A 344 8.15 -1.18 -4.46
N SER A 345 8.92 -0.17 -4.09
CA SER A 345 8.36 0.88 -3.25
C SER A 345 7.26 1.65 -3.96
N ARG A 346 7.23 1.67 -5.29
CA ARG A 346 6.26 2.43 -6.07
C ARG A 346 5.14 1.57 -6.66
N SER A 347 5.17 0.27 -6.45
CA SER A 347 4.26 -0.64 -7.15
C SER A 347 3.09 -1.07 -6.26
N SER A 348 1.96 -1.38 -6.92
CA SER A 348 0.75 -1.85 -6.30
C SER A 348 0.89 -3.34 -5.95
N THR A 349 -0.08 -3.85 -5.16
CA THR A 349 -0.05 -5.25 -4.74
C THR A 349 -0.04 -6.21 -5.94
N GLY A 350 -0.83 -5.90 -6.96
CA GLY A 350 -0.94 -6.82 -8.08
C GLY A 350 0.40 -7.06 -8.76
N ASN A 351 1.18 -6.00 -8.92
CA ASN A 351 2.44 -6.15 -9.62
C ASN A 351 3.47 -6.83 -8.76
N LEU A 352 3.44 -6.59 -7.45
CA LEU A 352 4.34 -7.32 -6.57
C LEU A 352 4.12 -8.81 -6.71
N VAL A 353 2.84 -9.24 -6.63
CA VAL A 353 2.54 -10.66 -6.75
C VAL A 353 2.97 -11.18 -8.11
N GLU A 354 2.66 -10.43 -9.17
CA GLU A 354 3.04 -10.79 -10.53
C GLU A 354 4.54 -10.98 -10.67
N TRP A 355 5.35 -10.03 -10.14
CA TRP A 355 6.81 -10.14 -10.26
C TRP A 355 7.32 -11.38 -9.55
N PHE A 356 6.78 -11.65 -8.36
CA PHE A 356 7.16 -12.85 -7.61
C PHE A 356 6.81 -14.11 -8.40
N LEU A 357 5.59 -14.16 -8.95
CA LEU A 357 5.14 -15.36 -9.67
C LEU A 357 5.90 -15.57 -10.97
N LEU A 358 6.21 -14.49 -11.70
CA LEU A 358 7.00 -14.61 -12.92
C LEU A 358 8.38 -15.15 -12.60
N ARG A 359 8.98 -14.72 -11.47
CA ARG A 359 10.28 -15.26 -11.13
C ARG A 359 10.18 -16.75 -10.83
N LYS A 360 9.21 -17.13 -9.99
CA LYS A 360 9.02 -18.54 -9.64
C LYS A 360 8.66 -19.38 -10.85
N ALA A 361 7.81 -18.85 -11.73
CA ALA A 361 7.53 -19.52 -13.00
C ALA A 361 8.82 -19.75 -13.78
N TYR A 362 9.70 -18.75 -13.84
CA TYR A 362 10.89 -18.90 -14.66
C TYR A 362 11.76 -20.01 -14.11
N GLU A 363 11.92 -20.04 -12.79
CA GLU A 363 12.67 -21.11 -12.14
C GLU A 363 12.11 -22.50 -12.46
N ARG A 364 10.78 -22.61 -12.62
CA ARG A 364 10.11 -23.89 -12.81
C ARG A 364 9.75 -24.17 -14.27
N ASN A 365 10.19 -23.31 -15.20
CA ASN A 365 9.91 -23.52 -16.62
C ASN A 365 8.42 -23.51 -16.92
N GLU A 366 7.63 -22.80 -16.11
CA GLU A 366 6.22 -22.63 -16.40
C GLU A 366 6.02 -21.39 -17.26
N LEU A 367 5.35 -21.56 -18.39
CA LEU A 367 4.99 -20.44 -19.24
C LEU A 367 3.95 -19.57 -18.54
N ALA A 368 4.18 -18.26 -18.56
CA ALA A 368 3.32 -17.31 -17.86
C ALA A 368 2.07 -17.01 -18.70
N PRO A 369 0.89 -17.10 -18.12
CA PRO A 369 -0.31 -16.61 -18.83
C PRO A 369 -0.22 -15.10 -19.09
N ASN A 370 -1.02 -14.67 -20.06
CA ASN A 370 -1.02 -13.27 -20.45
C ASN A 370 -1.97 -12.47 -19.59
N LYS A 371 -1.72 -11.17 -19.56
CA LYS A 371 -2.69 -10.24 -19.02
C LYS A 371 -3.93 -10.25 -19.92
N PRO A 372 -5.12 -10.05 -19.35
CA PRO A 372 -6.33 -10.10 -20.17
C PRO A 372 -6.36 -8.97 -21.19
N ASP A 373 -6.93 -9.26 -22.37
CA ASP A 373 -7.30 -8.20 -23.31
C ASP A 373 -8.59 -7.52 -22.83
N GLU A 374 -9.06 -6.53 -23.60
CA GLU A 374 -10.19 -5.72 -23.13
C GLU A 374 -11.47 -6.54 -23.00
N LYS A 375 -11.70 -7.46 -23.94
CA LYS A 375 -12.88 -8.32 -23.89
C LYS A 375 -12.85 -9.22 -22.65
N GLU A 376 -11.72 -9.90 -22.43
CA GLU A 376 -11.62 -10.77 -21.27
C GLU A 376 -11.66 -9.97 -19.99
N LEU A 377 -11.04 -8.79 -20.00
CA LEU A 377 -11.07 -7.92 -18.83
C LEU A 377 -12.51 -7.58 -18.45
N ALA A 378 -13.32 -7.21 -19.45
CA ALA A 378 -14.74 -6.87 -19.18
C ALA A 378 -15.49 -8.10 -18.65
N ARG A 379 -15.15 -9.29 -19.15
CA ARG A 379 -15.79 -10.58 -18.75
C ARG A 379 -15.52 -10.90 -17.27
N ARG A 380 -14.32 -10.58 -16.77
CA ARG A 380 -13.89 -10.90 -15.39
C ARG A 380 -14.45 -9.94 -14.35
N HIS A 381 -15.14 -8.87 -14.77
CA HIS A 381 -15.66 -7.85 -13.82
C HIS A 381 -16.96 -8.23 -13.08
N GLN A 382 -17.46 -9.46 -13.23
CA GLN A 382 -18.53 -9.96 -12.33
C GLN A 382 -17.93 -10.36 -10.97
N SER A 383 -18.58 -9.93 -9.89
CA SER A 383 -18.17 -10.20 -8.49
C SER A 383 -18.58 -11.61 -8.04
N HIS A 384 -18.04 -12.08 -6.92
CA HIS A 384 -18.39 -13.40 -6.35
C HIS A 384 -18.75 -13.23 -4.86
N GLU A 385 -19.50 -14.18 -4.30
CA GLU A 385 -19.90 -14.14 -2.87
C GLU A 385 -18.66 -14.11 -1.97
N GLY A 386 -18.72 -13.30 -0.90
CA GLY A 386 -17.62 -13.14 0.01
C GLY A 386 -17.77 -13.97 1.28
N GLY A 387 -16.92 -13.67 2.26
CA GLY A 387 -16.92 -14.40 3.50
C GLY A 387 -18.23 -14.32 4.26
N TYR A 388 -18.35 -15.21 5.23
CA TYR A 388 -19.56 -15.34 6.04
C TYR A 388 -19.55 -14.34 7.21
N ILE A 389 -20.68 -13.67 7.41
CA ILE A 389 -20.87 -12.74 8.52
C ILE A 389 -22.19 -13.06 9.17
N LYS A 390 -22.14 -13.47 10.43
CA LYS A 390 -23.34 -13.68 11.23
C LYS A 390 -23.85 -12.32 11.70
N GLU A 391 -25.15 -12.08 11.59
CA GLU A 391 -25.69 -10.89 12.20
C GLU A 391 -25.49 -11.00 13.70
N PRO A 392 -24.87 -10.01 14.34
CA PRO A 392 -24.51 -10.15 15.76
C PRO A 392 -25.73 -10.19 16.64
N GLU A 393 -25.59 -10.85 17.78
CA GLU A 393 -26.53 -10.67 18.88
C GLU A 393 -26.15 -9.36 19.57
N ARG A 394 -26.83 -8.29 19.19
CA ARG A 394 -26.41 -6.95 19.59
C ARG A 394 -26.51 -6.77 21.09
N GLY A 395 -25.71 -5.83 21.60
CA GLY A 395 -25.74 -5.45 23.00
C GLY A 395 -24.49 -5.85 23.76
N LEU A 396 -24.64 -5.93 25.08
CA LEU A 396 -23.53 -6.09 26.02
C LEU A 396 -23.44 -7.54 26.48
N TRP A 397 -22.31 -8.18 26.20
CA TRP A 397 -22.06 -9.56 26.60
C TRP A 397 -20.88 -9.62 27.57
N GLU A 398 -20.88 -10.64 28.43
CA GLU A 398 -19.84 -10.83 29.43
C GLU A 398 -19.06 -12.12 29.14
N ASN A 399 -17.77 -12.13 29.52
CA ASN A 399 -16.93 -13.33 29.55
C ASN A 399 -16.85 -14.01 28.17
N ILE A 400 -16.21 -13.32 27.23
CA ILE A 400 -16.21 -13.68 25.82
C ILE A 400 -14.83 -14.19 25.42
N VAL A 401 -14.79 -15.28 24.65
CA VAL A 401 -13.56 -15.70 23.98
C VAL A 401 -13.69 -15.38 22.51
N TYR A 402 -12.59 -14.97 21.90
CA TYR A 402 -12.46 -14.84 20.46
C TYR A 402 -11.61 -16.02 19.98
N LEU A 403 -12.17 -16.81 19.06
CA LEU A 403 -11.45 -17.92 18.43
C LEU A 403 -11.35 -17.62 16.96
N ASP A 404 -10.17 -17.85 16.38
CA ASP A 404 -10.06 -17.62 14.93
C ASP A 404 -9.12 -18.63 14.29
N PHE A 405 -9.17 -18.71 12.96
CA PHE A 405 -8.30 -19.61 12.20
C PHE A 405 -6.95 -18.96 11.92
N ARG A 406 -5.92 -19.79 11.80
CA ARG A 406 -4.57 -19.29 11.45
C ARG A 406 -4.46 -19.23 9.92
N SER A 407 -4.39 -18.04 9.33
CA SER A 407 -4.22 -17.86 7.86
C SER A 407 -5.25 -18.69 7.08
N LEU A 408 -6.53 -18.53 7.39
CA LEU A 408 -7.64 -19.32 6.77
C LEU A 408 -7.53 -19.48 5.25
N TYR A 409 -7.52 -18.40 4.48
CA TYR A 409 -7.55 -18.58 3.01
C TYR A 409 -6.27 -19.24 2.48
N PRO A 410 -5.07 -18.83 2.87
CA PRO A 410 -3.87 -19.61 2.49
C PRO A 410 -3.90 -21.05 2.96
N SER A 411 -4.39 -21.31 4.17
CA SER A 411 -4.49 -22.70 4.63
C SER A 411 -5.41 -23.51 3.74
N ILE A 412 -6.52 -22.91 3.31
CA ILE A 412 -7.43 -23.60 2.41
C ILE A 412 -6.72 -23.89 1.10
N ILE A 413 -6.01 -22.89 0.55
CA ILE A 413 -5.34 -23.07 -0.74
C ILE A 413 -4.31 -24.19 -0.66
N ILE A 414 -3.57 -24.26 0.45
CA ILE A 414 -2.55 -25.29 0.60
C ILE A 414 -3.19 -26.65 0.83
N THR A 415 -4.24 -26.70 1.65
CA THR A 415 -4.80 -27.99 2.05
C THR A 415 -5.50 -28.66 0.89
N HIS A 416 -6.22 -27.88 0.09
CA HIS A 416 -7.05 -28.45 -0.95
C HIS A 416 -6.46 -28.25 -2.33
N ASN A 417 -5.20 -27.79 -2.41
CA ASN A 417 -4.46 -27.69 -3.68
C ASN A 417 -5.22 -26.86 -4.70
N VAL A 418 -5.72 -25.72 -4.26
CA VAL A 418 -6.61 -24.89 -5.05
C VAL A 418 -5.77 -24.01 -5.98
N SER A 419 -5.83 -24.26 -7.29
CA SER A 419 -4.93 -23.67 -8.27
C SER A 419 -5.52 -23.80 -9.66
N PRO A 420 -5.25 -22.86 -10.58
CA PRO A 420 -5.76 -23.03 -11.96
C PRO A 420 -5.21 -24.25 -12.67
N ASP A 421 -4.04 -24.75 -12.28
CA ASP A 421 -3.49 -25.93 -12.94
C ASP A 421 -3.96 -27.26 -12.35
N THR A 422 -4.63 -27.26 -11.20
CA THR A 422 -5.23 -28.47 -10.66
C THR A 422 -6.75 -28.47 -10.75
N LEU A 423 -7.35 -27.37 -11.19
CA LEU A 423 -8.81 -27.26 -11.28
C LEU A 423 -9.34 -28.15 -12.40
N ASN A 424 -10.14 -29.15 -12.03
CA ASN A 424 -10.80 -30.04 -12.98
C ASN A 424 -9.81 -30.77 -13.89
N ARG A 425 -8.57 -30.92 -13.45
CA ARG A 425 -7.61 -31.70 -14.23
C ARG A 425 -8.11 -33.14 -14.34
N GLU A 426 -7.94 -33.73 -15.51
CA GLU A 426 -8.53 -35.04 -15.74
C GLU A 426 -7.53 -36.15 -15.46
N GLY A 427 -8.05 -37.28 -14.97
CA GLY A 427 -7.28 -38.48 -14.89
C GLY A 427 -6.56 -38.72 -13.58
N CYS A 428 -7.01 -38.11 -12.50
CA CYS A 428 -6.35 -38.19 -11.21
C CYS A 428 -7.02 -39.18 -10.27
N LYS A 429 -6.20 -39.74 -9.37
CA LYS A 429 -6.66 -40.65 -8.32
C LYS A 429 -7.59 -39.93 -7.33
N GLU A 430 -7.19 -38.72 -6.88
CA GLU A 430 -7.81 -38.08 -5.72
C GLU A 430 -8.14 -36.61 -6.03
N TYR A 431 -9.33 -36.20 -5.62
CA TYR A 431 -9.83 -34.84 -5.78
C TYR A 431 -10.34 -34.30 -4.44
N ASP A 432 -10.32 -32.98 -4.32
CA ASP A 432 -11.07 -32.29 -3.28
C ASP A 432 -12.12 -31.41 -3.95
N VAL A 433 -13.33 -31.43 -3.42
CA VAL A 433 -14.50 -30.82 -4.05
C VAL A 433 -15.00 -29.70 -3.16
N ALA A 434 -15.02 -28.49 -3.69
CA ALA A 434 -15.43 -27.33 -2.92
C ALA A 434 -16.92 -27.40 -2.63
N PRO A 435 -17.34 -27.01 -1.44
CA PRO A 435 -18.76 -27.11 -1.08
C PRO A 435 -19.59 -26.08 -1.84
N GLN A 436 -20.80 -26.49 -2.21
CA GLN A 436 -21.84 -25.61 -2.73
C GLN A 436 -21.54 -25.13 -4.14
N VAL A 437 -20.28 -25.20 -4.57
CA VAL A 437 -19.93 -24.77 -5.92
C VAL A 437 -19.38 -25.90 -6.75
N GLY A 438 -18.89 -26.97 -6.13
CA GLY A 438 -18.61 -28.22 -6.83
C GLY A 438 -17.34 -28.24 -7.65
N HIS A 439 -16.55 -27.18 -7.63
CA HIS A 439 -15.27 -27.20 -8.34
C HIS A 439 -14.37 -28.29 -7.77
N ARG A 440 -13.76 -29.07 -8.65
CA ARG A 440 -12.89 -30.16 -8.24
C ARG A 440 -11.43 -29.80 -8.46
N PHE A 441 -10.59 -30.13 -7.48
CA PHE A 441 -9.16 -29.85 -7.53
C PHE A 441 -8.37 -31.14 -7.34
N CYS A 442 -7.53 -31.44 -8.32
CA CYS A 442 -6.66 -32.61 -8.26
C CYS A 442 -5.76 -32.56 -7.02
N LYS A 443 -5.57 -33.71 -6.41
CA LYS A 443 -4.70 -33.82 -5.25
C LYS A 443 -3.43 -34.59 -5.54
N ASP A 444 -3.19 -34.98 -6.79
CA ASP A 444 -2.10 -35.92 -7.10
C ASP A 444 -0.77 -35.24 -7.32
N PHE A 445 -0.76 -33.95 -7.66
CA PHE A 445 0.44 -33.16 -7.79
CA PHE A 445 0.42 -33.15 -7.84
C PHE A 445 0.15 -31.78 -7.22
N PRO A 446 1.13 -31.17 -6.53
CA PRO A 446 0.91 -29.82 -6.00
C PRO A 446 0.86 -28.82 -7.13
N GLY A 447 -0.12 -27.93 -7.07
CA GLY A 447 -0.18 -26.85 -8.03
C GLY A 447 0.88 -25.80 -7.78
N PHE A 448 1.04 -24.93 -8.78
CA PHE A 448 2.04 -23.88 -8.75
C PHE A 448 1.89 -23.02 -7.51
N ILE A 449 0.76 -22.33 -7.41
CA ILE A 449 0.53 -21.36 -6.34
C ILE A 449 0.41 -22.05 -4.99
N PRO A 450 -0.23 -23.21 -4.86
CA PRO A 450 -0.23 -23.89 -3.55
C PRO A 450 1.16 -24.25 -3.05
N SER A 451 2.06 -24.70 -3.92
CA SER A 451 3.39 -25.02 -3.42
C SER A 451 4.14 -23.76 -2.99
N LEU A 452 4.06 -22.69 -3.78
CA LEU A 452 4.68 -21.45 -3.36
C LEU A 452 4.14 -21.00 -1.99
N LEU A 453 2.81 -21.06 -1.82
CA LEU A 453 2.23 -20.63 -0.55
C LEU A 453 2.68 -21.51 0.58
N GLY A 454 2.86 -22.82 0.31
CA GLY A 454 3.36 -23.71 1.33
C GLY A 454 4.71 -23.27 1.83
N ASP A 455 5.62 -22.98 0.90
CA ASP A 455 6.95 -22.53 1.32
C ASP A 455 6.88 -21.23 2.12
N LEU A 456 6.04 -20.30 1.66
CA LEU A 456 5.93 -19.00 2.33
C LEU A 456 5.44 -19.14 3.76
N LEU A 457 4.36 -19.91 3.97
CA LEU A 457 3.83 -20.06 5.31
C LEU A 457 4.78 -20.84 6.22
N GLU A 458 5.40 -21.90 5.71
CA GLU A 458 6.39 -22.61 6.51
C GLU A 458 7.48 -21.66 7.01
N GLU A 459 8.04 -20.86 6.09
CA GLU A 459 9.12 -19.99 6.53
C GLU A 459 8.63 -18.87 7.44
N ARG A 460 7.40 -18.38 7.26
CA ARG A 460 6.90 -17.36 8.20
C ARG A 460 6.74 -17.94 9.61
N GLN A 461 6.35 -19.21 9.74
CA GLN A 461 6.27 -19.76 11.08
C GLN A 461 7.65 -20.06 11.67
N LYS A 462 8.60 -20.52 10.85
CA LYS A 462 10.00 -20.60 11.31
C LYS A 462 10.51 -19.27 11.84
N ILE A 463 10.20 -18.19 11.12
CA ILE A 463 10.63 -16.85 11.52
C ILE A 463 9.95 -16.43 12.81
N LYS A 464 8.63 -16.68 12.93
CA LYS A 464 7.94 -16.28 14.14
C LYS A 464 8.49 -17.02 15.35
N LYS A 465 9.05 -18.21 15.16
CA LYS A 465 9.72 -18.91 16.26
C LYS A 465 11.06 -18.26 16.60
N ARG A 466 11.95 -18.20 15.61
CA ARG A 466 13.26 -17.63 15.91
C ARG A 466 13.24 -16.13 16.11
N MET A 467 12.08 -15.48 16.09
CA MET A 467 12.01 -14.06 16.40
C MET A 467 12.10 -13.84 17.90
N LYS A 468 11.19 -14.48 18.64
CA LYS A 468 11.17 -14.40 20.09
C LYS A 468 12.26 -15.29 20.70
N ALA A 469 12.80 -16.24 19.94
CA ALA A 469 13.96 -16.98 20.43
C ALA A 469 15.17 -16.06 20.62
N THR A 470 15.60 -15.37 19.55
CA THR A 470 16.77 -14.50 19.61
C THR A 470 16.67 -13.52 20.76
N ILE A 471 17.82 -13.20 21.34
CA ILE A 471 17.89 -12.07 22.26
C ILE A 471 18.25 -10.81 21.52
N ASP A 472 18.67 -10.93 20.28
CA ASP A 472 19.26 -9.82 19.56
C ASP A 472 18.16 -8.97 18.92
N PRO A 473 18.08 -7.67 19.23
CA PRO A 473 17.13 -6.81 18.50
C PRO A 473 17.53 -6.61 17.05
N ILE A 474 18.84 -6.68 16.74
CA ILE A 474 19.28 -6.69 15.35
C ILE A 474 18.48 -7.70 14.56
N GLU A 475 18.63 -8.96 14.96
N GLU A 475 18.61 -8.97 14.94
CA GLU A 475 18.00 -10.08 14.27
CA GLU A 475 17.97 -10.02 14.18
C GLU A 475 16.48 -10.06 14.44
C GLU A 475 16.47 -10.07 14.44
N ARG A 476 16.00 -9.59 15.59
CA ARG A 476 14.55 -9.57 15.83
C ARG A 476 13.85 -8.61 14.88
N LYS A 477 14.45 -7.45 14.61
CA LYS A 477 13.83 -6.54 13.65
C LYS A 477 14.00 -7.03 12.21
N LEU A 478 15.17 -7.58 11.86
CA LEU A 478 15.33 -8.14 10.52
CA LEU A 478 15.34 -8.16 10.53
C LEU A 478 14.30 -9.24 10.26
N LEU A 479 14.10 -10.13 11.24
CA LEU A 479 13.14 -11.22 11.11
C LEU A 479 11.71 -10.70 11.12
N ASP A 480 11.41 -9.69 11.93
CA ASP A 480 10.06 -9.16 11.89
C ASP A 480 9.75 -8.59 10.50
N TYR A 481 10.72 -7.89 9.89
CA TYR A 481 10.50 -7.34 8.56
C TYR A 481 10.29 -8.46 7.54
N ARG A 482 11.14 -9.48 7.57
CA ARG A 482 11.00 -10.59 6.63
C ARG A 482 9.65 -11.29 6.79
N GLN A 483 9.20 -11.45 8.03
CA GLN A 483 7.96 -12.16 8.30
C GLN A 483 6.75 -11.35 7.87
N ARG A 484 6.77 -10.02 8.08
CA ARG A 484 5.68 -9.18 7.63
C ARG A 484 5.63 -9.11 6.11
N ALA A 485 6.80 -9.11 5.46
CA ALA A 485 6.80 -9.17 4.00
C ALA A 485 6.10 -10.43 3.52
N ILE A 486 6.47 -11.57 4.10
CA ILE A 486 5.83 -12.83 3.74
C ILE A 486 4.33 -12.76 3.97
N LYS A 487 3.88 -12.17 5.07
CA LYS A 487 2.44 -12.11 5.33
C LYS A 487 1.71 -11.33 4.24
N ILE A 488 2.25 -10.15 3.88
CA ILE A 488 1.60 -9.32 2.85
C ILE A 488 1.46 -10.12 1.56
N LEU A 489 2.55 -10.79 1.15
CA LEU A 489 2.50 -11.59 -0.07
C LEU A 489 1.49 -12.73 0.04
N ALA A 490 1.53 -13.50 1.13
CA ALA A 490 0.68 -14.68 1.24
C ALA A 490 -0.78 -14.31 1.27
N ASN A 491 -1.14 -13.24 1.99
N ASN A 491 -1.12 -13.23 1.98
CA ASN A 491 -2.54 -12.88 2.09
CA ASN A 491 -2.51 -12.81 2.10
C ASN A 491 -3.03 -12.08 0.88
C ASN A 491 -3.03 -12.28 0.78
N SER A 492 -2.15 -11.77 -0.08
CA SER A 492 -2.59 -11.25 -1.37
C SER A 492 -2.97 -12.32 -2.41
N LEU A 493 -2.76 -13.62 -2.15
CA LEU A 493 -2.94 -14.59 -3.22
C LEU A 493 -4.42 -14.96 -3.43
N TYR A 494 -5.20 -15.12 -2.36
CA TYR A 494 -6.64 -15.27 -2.54
C TYR A 494 -7.19 -14.13 -3.39
N GLY A 495 -6.82 -12.89 -3.05
CA GLY A 495 -7.34 -11.74 -3.79
C GLY A 495 -6.87 -11.72 -5.23
N TYR A 496 -5.62 -12.13 -5.47
CA TYR A 496 -5.06 -12.14 -6.82
C TYR A 496 -5.84 -13.08 -7.74
N TYR A 497 -6.22 -14.25 -7.24
CA TYR A 497 -7.04 -15.16 -8.03
C TYR A 497 -8.25 -14.46 -8.63
N GLY A 498 -8.83 -13.48 -7.93
CA GLY A 498 -10.01 -12.78 -8.39
C GLY A 498 -9.73 -11.38 -8.93
N TYR A 499 -8.46 -11.02 -9.13
CA TYR A 499 -8.05 -9.71 -9.61
C TYR A 499 -8.18 -9.68 -11.14
N ALA A 500 -9.14 -8.92 -11.65
CA ALA A 500 -9.45 -8.98 -13.08
C ALA A 500 -8.22 -8.86 -13.99
N ARG A 501 -7.17 -8.16 -13.55
CA ARG A 501 -5.97 -7.95 -14.36
CA ARG A 501 -5.98 -7.96 -14.38
C ARG A 501 -4.89 -9.01 -14.15
N ALA A 502 -5.12 -9.99 -13.28
CA ALA A 502 -4.11 -11.00 -13.00
C ALA A 502 -3.77 -11.87 -14.21
N ARG A 503 -2.52 -12.32 -14.24
CA ARG A 503 -2.10 -13.37 -15.17
C ARG A 503 -2.66 -14.72 -14.75
N TRP A 504 -2.38 -15.13 -13.52
CA TRP A 504 -2.90 -16.40 -12.99
C TRP A 504 -4.26 -16.21 -12.33
N TYR A 505 -5.16 -15.57 -13.06
CA TYR A 505 -6.53 -15.39 -12.65
C TYR A 505 -7.28 -16.71 -12.66
N CYS A 506 -8.14 -16.90 -11.66
CA CYS A 506 -9.02 -18.08 -11.62
C CYS A 506 -10.22 -17.75 -10.75
N LYS A 507 -11.36 -17.45 -11.38
CA LYS A 507 -12.54 -17.16 -10.58
C LYS A 507 -12.98 -18.37 -9.77
N GLU A 508 -12.81 -19.58 -10.33
CA GLU A 508 -13.27 -20.78 -9.61
C GLU A 508 -12.42 -21.05 -8.38
N CYS A 509 -11.13 -20.69 -8.39
CA CYS A 509 -10.30 -20.81 -7.18
C CYS A 509 -10.73 -19.81 -6.12
N ALA A 510 -11.01 -18.57 -6.53
CA ALA A 510 -11.52 -17.57 -5.59
C ALA A 510 -12.82 -18.05 -4.96
N GLU A 511 -13.77 -18.49 -5.80
CA GLU A 511 -15.05 -19.00 -5.32
C GLU A 511 -14.89 -20.20 -4.40
N SER A 512 -13.96 -21.11 -4.74
CA SER A 512 -13.75 -22.30 -3.92
C SER A 512 -13.14 -21.96 -2.58
N VAL A 513 -12.19 -21.00 -2.56
CA VAL A 513 -11.61 -20.57 -1.28
C VAL A 513 -12.70 -19.99 -0.39
N ILE A 514 -13.55 -19.13 -0.94
CA ILE A 514 -14.68 -18.59 -0.17
C ILE A 514 -15.57 -19.73 0.34
N ALA A 515 -15.91 -20.67 -0.53
CA ALA A 515 -16.86 -21.71 -0.13
C ALA A 515 -16.30 -22.55 1.01
N TRP A 516 -15.03 -22.95 0.90
CA TRP A 516 -14.42 -23.75 1.96
C TRP A 516 -14.30 -22.94 3.24
N GLY A 517 -14.02 -21.63 3.14
CA GLY A 517 -13.99 -20.81 4.34
C GLY A 517 -15.34 -20.76 5.04
N ARG A 518 -16.41 -20.50 4.27
CA ARG A 518 -17.75 -20.43 4.86
C ARG A 518 -18.11 -21.76 5.50
N GLU A 519 -17.74 -22.86 4.85
CA GLU A 519 -18.02 -24.18 5.39
C GLU A 519 -17.28 -24.41 6.70
N TYR A 520 -15.96 -24.20 6.72
CA TYR A 520 -15.20 -24.43 7.95
C TYR A 520 -15.70 -23.55 9.08
N LEU A 521 -15.95 -22.26 8.80
CA LEU A 521 -16.40 -21.36 9.87
C LEU A 521 -17.78 -21.77 10.41
N THR A 522 -18.76 -22.00 9.53
CA THR A 522 -20.09 -22.33 10.02
C THR A 522 -20.12 -23.72 10.69
N MET A 523 -19.33 -24.68 10.20
CA MET A 523 -19.32 -26.01 10.82
C MET A 523 -18.63 -25.99 12.18
N THR A 524 -17.59 -25.19 12.33
CA THR A 524 -16.96 -25.02 13.63
C THR A 524 -17.92 -24.35 14.62
N ILE A 525 -18.67 -23.35 14.14
CA ILE A 525 -19.65 -22.69 15.00
C ILE A 525 -20.70 -23.71 15.48
N LYS A 526 -21.25 -24.49 14.56
CA LYS A 526 -22.20 -25.53 14.95
C LYS A 526 -21.58 -26.48 15.97
N GLU A 527 -20.31 -26.84 15.81
CA GLU A 527 -19.70 -27.80 16.74
C GLU A 527 -19.60 -27.22 18.15
N ILE A 528 -19.19 -25.94 18.27
CA ILE A 528 -19.05 -25.36 19.61
C ILE A 528 -20.42 -25.13 20.25
N GLU A 529 -21.45 -24.87 19.45
CA GLU A 529 -22.76 -24.70 20.07
C GLU A 529 -23.37 -26.04 20.47
N GLU A 530 -23.29 -27.05 19.62
CA GLU A 530 -23.94 -28.32 19.93
C GLU A 530 -23.13 -29.15 20.92
N LYS A 531 -21.82 -29.24 20.75
CA LYS A 531 -21.08 -30.15 21.60
C LYS A 531 -20.58 -29.51 22.90
N TYR A 532 -20.44 -28.17 22.95
CA TYR A 532 -19.86 -27.51 24.12
C TYR A 532 -20.79 -26.50 24.81
N GLY A 533 -22.00 -26.30 24.31
CA GLY A 533 -22.91 -25.40 25.02
C GLY A 533 -22.59 -23.93 24.88
N PHE A 534 -21.72 -23.54 23.97
CA PHE A 534 -21.40 -22.14 23.75
C PHE A 534 -22.51 -21.42 23.00
N LYS A 535 -22.58 -20.10 23.19
CA LYS A 535 -23.43 -19.21 22.40
C LYS A 535 -22.50 -18.34 21.55
N VAL A 536 -22.66 -18.40 20.23
CA VAL A 536 -21.85 -17.60 19.32
C VAL A 536 -22.52 -16.24 19.12
N ILE A 537 -21.83 -15.18 19.57
CA ILE A 537 -22.37 -13.84 19.62
C ILE A 537 -22.26 -13.15 18.25
N TYR A 538 -21.18 -13.45 17.54
CA TYR A 538 -20.78 -12.66 16.38
C TYR A 538 -19.67 -13.40 15.66
N SER A 539 -19.64 -13.26 14.34
CA SER A 539 -18.71 -14.03 13.53
C SER A 539 -18.46 -13.27 12.25
N ASP A 540 -17.20 -13.30 11.79
CA ASP A 540 -16.86 -12.58 10.56
C ASP A 540 -15.66 -13.24 9.88
N THR A 541 -15.95 -14.00 8.83
CA THR A 541 -15.03 -14.52 7.82
C THR A 541 -14.08 -15.60 8.31
N ASP A 542 -13.55 -15.47 9.52
CA ASP A 542 -12.50 -16.38 9.93
C ASP A 542 -12.45 -16.56 11.44
N GLY A 543 -13.45 -16.07 12.17
CA GLY A 543 -13.46 -16.29 13.59
C GLY A 543 -14.76 -15.83 14.18
N PHE A 544 -14.82 -15.92 15.50
CA PHE A 544 -16.08 -15.67 16.18
C PHE A 544 -15.85 -15.45 17.66
N PHE A 545 -16.78 -14.69 18.24
CA PHE A 545 -16.85 -14.42 19.67
C PHE A 545 -17.91 -15.31 20.27
N ALA A 546 -17.61 -15.86 21.44
CA ALA A 546 -18.52 -16.82 22.03
C ALA A 546 -18.40 -16.77 23.54
N THR A 547 -19.49 -17.15 24.21
CA THR A 547 -19.48 -17.30 25.65
C THR A 547 -20.36 -18.48 26.02
N ILE A 548 -20.21 -18.95 27.25
CA ILE A 548 -21.17 -19.87 27.86
C ILE A 548 -22.07 -19.05 28.77
N PRO A 549 -23.35 -18.90 28.46
CA PRO A 549 -24.14 -17.77 29.01
C PRO A 549 -24.16 -17.65 30.53
N GLY A 550 -24.26 -18.76 31.26
CA GLY A 550 -24.28 -18.65 32.71
C GLY A 550 -22.95 -18.79 33.42
N ALA A 551 -21.86 -18.90 32.68
CA ALA A 551 -20.60 -19.37 33.23
C ALA A 551 -19.68 -18.20 33.57
N ASP A 552 -18.85 -18.43 34.59
CA ASP A 552 -17.84 -17.46 34.98
C ASP A 552 -16.64 -17.59 34.05
N ALA A 553 -15.65 -16.71 34.27
CA ALA A 553 -14.54 -16.58 33.33
C ALA A 553 -13.75 -17.88 33.23
N GLU A 554 -13.47 -18.54 34.35
CA GLU A 554 -12.53 -19.66 34.28
C GLU A 554 -13.13 -20.85 33.55
N THR A 555 -14.45 -21.06 33.67
CA THR A 555 -15.04 -22.20 32.97
C THR A 555 -15.19 -21.88 31.49
N VAL A 556 -15.53 -20.63 31.14
CA VAL A 556 -15.52 -20.23 29.75
C VAL A 556 -14.15 -20.48 29.12
N LYS A 557 -13.08 -20.03 29.79
CA LYS A 557 -11.73 -20.23 29.26
C LYS A 557 -11.39 -21.70 29.10
N LYS A 558 -11.62 -22.50 30.15
CA LYS A 558 -11.20 -23.89 30.10
C LYS A 558 -12.02 -24.70 29.09
N LYS A 559 -13.33 -24.43 28.95
CA LYS A 559 -14.15 -25.06 27.93
C LYS A 559 -13.71 -24.67 26.53
N ALA A 560 -13.35 -23.41 26.31
CA ALA A 560 -12.78 -23.01 25.03
C ALA A 560 -11.52 -23.80 24.71
N MET A 561 -10.62 -23.97 25.69
CA MET A 561 -9.38 -24.71 25.40
C MET A 561 -9.69 -26.16 25.05
N GLU A 562 -10.63 -26.78 25.78
CA GLU A 562 -11.06 -28.15 25.45
C GLU A 562 -11.63 -28.21 24.04
N PHE A 563 -12.46 -27.23 23.67
CA PHE A 563 -13.00 -27.22 22.32
C PHE A 563 -11.90 -27.09 21.29
N LEU A 564 -10.89 -26.28 21.59
CA LEU A 564 -9.78 -26.05 20.62
C LEU A 564 -9.05 -27.38 20.35
N LYS A 565 -8.76 -28.15 21.41
CA LYS A 565 -8.07 -29.46 21.30
C LYS A 565 -8.93 -30.42 20.50
N TYR A 566 -10.25 -30.38 20.70
CA TYR A 566 -11.20 -31.27 20.00
C TYR A 566 -11.37 -30.88 18.52
N ILE A 567 -11.55 -29.59 18.23
CA ILE A 567 -11.77 -29.19 16.84
C ILE A 567 -10.49 -29.32 16.03
N ASN A 568 -9.32 -29.20 16.64
CA ASN A 568 -8.12 -29.22 15.81
C ASN A 568 -7.70 -30.63 15.43
N ALA A 569 -8.06 -31.62 16.25
CA ALA A 569 -7.93 -33.02 15.83
C ALA A 569 -8.75 -33.32 14.58
N LYS A 570 -9.88 -32.64 14.40
CA LYS A 570 -10.78 -32.94 13.28
C LYS A 570 -10.47 -32.14 12.02
N LEU A 571 -9.89 -30.95 12.15
CA LEU A 571 -9.65 -30.10 10.97
C LEU A 571 -8.58 -30.71 10.07
N PRO A 572 -8.78 -30.73 8.75
CA PRO A 572 -7.80 -31.36 7.85
C PRO A 572 -6.62 -30.45 7.57
N GLY A 573 -5.49 -31.08 7.26
CA GLY A 573 -4.32 -30.41 6.73
C GLY A 573 -3.85 -29.24 7.57
N ALA A 574 -3.60 -28.12 6.91
CA ALA A 574 -3.06 -26.94 7.56
C ALA A 574 -4.11 -26.16 8.33
N LEU A 575 -5.37 -26.58 8.29
CA LEU A 575 -6.42 -25.81 8.95
C LEU A 575 -6.29 -25.93 10.46
N GLU A 576 -6.38 -24.80 11.16
CA GLU A 576 -6.18 -24.80 12.60
C GLU A 576 -6.91 -23.64 13.24
N LEU A 577 -7.55 -23.91 14.37
CA LEU A 577 -8.25 -22.88 15.14
C LEU A 577 -7.44 -22.52 16.38
N GLU A 578 -7.38 -21.23 16.67
CA GLU A 578 -6.55 -20.68 17.71
C GLU A 578 -7.40 -19.87 18.68
N TYR A 579 -6.92 -19.80 19.92
CA TYR A 579 -7.43 -18.92 20.96
C TYR A 579 -6.86 -17.51 20.74
N GLU A 580 -7.66 -16.56 20.30
CA GLU A 580 -7.09 -15.23 20.11
C GLU A 580 -7.00 -14.46 21.44
N GLY A 581 -8.11 -14.36 22.17
CA GLY A 581 -8.02 -13.80 23.50
C GLY A 581 -9.35 -13.89 24.25
N PHE A 582 -9.28 -13.52 25.53
CA PHE A 582 -10.44 -13.41 26.40
C PHE A 582 -10.81 -11.94 26.67
N TYR A 583 -12.10 -11.63 26.63
CA TYR A 583 -12.60 -10.26 26.87
C TYR A 583 -13.64 -10.27 27.98
N LYS A 584 -13.43 -9.43 29.01
CA LYS A 584 -14.38 -9.38 30.13
C LYS A 584 -15.77 -8.96 29.66
N ARG A 585 -15.85 -7.92 28.83
CA ARG A 585 -17.11 -7.44 28.30
C ARG A 585 -16.92 -7.13 26.82
N GLY A 586 -18.01 -7.25 26.07
CA GLY A 586 -18.00 -6.84 24.69
C GLY A 586 -19.31 -6.20 24.28
N LEU A 587 -19.24 -5.16 23.45
CA LEU A 587 -20.43 -4.44 22.99
C LEU A 587 -20.52 -4.61 21.48
N PHE A 588 -21.49 -5.41 21.02
CA PHE A 588 -21.64 -5.69 19.60
C PHE A 588 -22.76 -4.82 19.04
N VAL A 589 -22.40 -3.82 18.26
CA VAL A 589 -23.33 -2.77 17.85
C VAL A 589 -24.06 -3.14 16.58
N THR A 590 -23.29 -3.61 15.60
CA THR A 590 -23.84 -4.07 14.33
C THR A 590 -22.69 -4.81 13.63
N LYS A 591 -23.01 -5.42 12.49
CA LYS A 591 -21.96 -6.04 11.68
C LYS A 591 -20.82 -5.06 11.47
N LYS A 592 -19.59 -5.55 11.68
CA LYS A 592 -18.33 -4.83 11.54
C LYS A 592 -18.13 -3.71 12.54
N LYS A 593 -19.07 -3.46 13.47
CA LYS A 593 -18.95 -2.35 14.44
CA LYS A 593 -18.96 -2.36 14.45
C LYS A 593 -19.15 -2.92 15.84
N TYR A 594 -18.10 -2.89 16.66
CA TYR A 594 -18.17 -3.43 18.01
C TYR A 594 -16.95 -2.98 18.80
N ALA A 595 -16.99 -3.25 20.11
CA ALA A 595 -15.86 -2.94 20.98
C ALA A 595 -15.81 -3.96 22.11
N VAL A 596 -14.60 -4.34 22.50
CA VAL A 596 -14.42 -5.30 23.57
C VAL A 596 -13.42 -4.73 24.55
N ILE A 597 -13.47 -5.22 25.77
CA ILE A 597 -12.55 -4.79 26.81
C ILE A 597 -11.98 -6.04 27.46
N ASP A 598 -10.66 -6.04 27.68
CA ASP A 598 -10.01 -7.20 28.27
C ASP A 598 -9.97 -7.05 29.79
N GLU A 599 -9.49 -8.09 30.47
CA GLU A 599 -9.48 -8.06 31.93
C GLU A 599 -8.58 -6.95 32.47
N GLU A 600 -7.61 -6.48 31.68
CA GLU A 600 -6.67 -5.45 32.14
C GLU A 600 -7.19 -4.02 31.91
N GLY A 601 -8.33 -3.86 31.24
CA GLY A 601 -8.93 -2.57 31.03
C GLY A 601 -8.75 -2.01 29.63
N LYS A 602 -8.00 -2.68 28.76
CA LYS A 602 -7.75 -2.18 27.42
C LYS A 602 -8.97 -2.40 26.53
N ILE A 603 -9.49 -1.31 25.97
CA ILE A 603 -10.60 -1.37 25.02
C ILE A 603 -10.03 -1.45 23.62
N THR A 604 -10.57 -2.37 22.83
CA THR A 604 -10.33 -2.43 21.40
C THR A 604 -11.63 -2.12 20.69
N THR A 605 -11.52 -1.38 19.59
CA THR A 605 -12.66 -0.86 18.86
C THR A 605 -12.50 -1.23 17.41
N ARG A 606 -13.55 -1.79 16.82
CA ARG A 606 -13.57 -2.10 15.40
C ARG A 606 -14.72 -1.36 14.76
N GLY A 607 -14.43 -0.63 13.68
CA GLY A 607 -15.44 -0.11 12.78
C GLY A 607 -16.12 1.16 13.24
N LEU A 608 -16.11 1.44 14.53
CA LEU A 608 -16.81 2.60 15.06
C LEU A 608 -16.18 3.90 14.54
N GLU A 609 -17.01 4.96 14.49
CA GLU A 609 -16.56 6.28 14.04
C GLU A 609 -15.24 6.69 14.70
N ILE A 610 -14.96 6.17 15.91
CA ILE A 610 -13.68 6.36 16.59
C ILE A 610 -12.46 6.18 15.67
N VAL A 611 -12.54 5.26 14.70
CA VAL A 611 -11.37 4.89 13.91
C VAL A 611 -11.31 5.55 12.53
N ARG A 612 -12.41 6.18 12.08
CA ARG A 612 -12.54 6.70 10.72
C ARG A 612 -11.98 8.12 10.55
N ARG A 613 -11.41 8.38 9.38
CA ARG A 613 -10.91 9.72 9.08
C ARG A 613 -12.02 10.71 8.73
N ASP A 614 -13.15 10.26 8.21
CA ASP A 614 -14.18 11.20 7.76
C ASP A 614 -15.14 11.58 8.88
N TRP A 615 -14.76 11.41 10.13
CA TRP A 615 -15.50 11.93 11.25
C TRP A 615 -14.60 12.87 12.02
N SER A 616 -15.15 14.00 12.45
CA SER A 616 -14.36 15.02 13.11
C SER A 616 -13.85 14.52 14.45
N GLU A 617 -12.74 15.09 14.90
CA GLU A 617 -12.14 14.61 16.14
C GLU A 617 -13.01 14.89 17.34
N ILE A 618 -13.82 15.94 17.31
CA ILE A 618 -14.72 16.18 18.43
C ILE A 618 -15.68 15.00 18.60
N ALA A 619 -16.22 14.49 17.49
CA ALA A 619 -17.12 13.34 17.52
C ALA A 619 -16.39 12.04 17.91
N LYS A 620 -15.22 11.80 17.30
CA LYS A 620 -14.43 10.60 17.61
C LYS A 620 -14.05 10.54 19.09
N GLU A 621 -13.64 11.67 19.65
CA GLU A 621 -13.20 11.69 21.04
C GLU A 621 -14.38 11.59 21.98
N THR A 622 -15.51 12.22 21.65
CA THR A 622 -16.62 12.09 22.57
C THR A 622 -17.16 10.67 22.55
N GLN A 623 -17.18 10.05 21.36
CA GLN A 623 -17.61 8.65 21.27
C GLN A 623 -16.69 7.75 22.07
N ALA A 624 -15.37 7.97 21.99
CA ALA A 624 -14.46 7.18 22.82
C ALA A 624 -14.70 7.41 24.30
N ARG A 625 -15.01 8.64 24.70
CA ARG A 625 -15.21 8.85 26.14
C ARG A 625 -16.51 8.22 26.63
N VAL A 626 -17.57 8.29 25.81
CA VAL A 626 -18.83 7.63 26.14
C VAL A 626 -18.63 6.12 26.19
N LEU A 627 -17.87 5.59 25.22
CA LEU A 627 -17.56 4.16 25.17
C LEU A 627 -16.79 3.73 26.41
N GLU A 628 -15.81 4.51 26.83
CA GLU A 628 -15.06 4.12 28.02
C GLU A 628 -15.93 4.22 29.26
N ALA A 629 -16.80 5.23 29.34
CA ALA A 629 -17.67 5.35 30.51
C ALA A 629 -18.66 4.19 30.60
N LEU A 630 -19.16 3.71 29.46
CA LEU A 630 -20.15 2.64 29.49
C LEU A 630 -19.54 1.24 29.58
N LEU A 631 -18.49 0.97 28.81
CA LEU A 631 -17.92 -0.35 28.71
C LEU A 631 -16.90 -0.62 29.81
N LYS A 632 -16.26 0.41 30.36
CA LYS A 632 -15.26 0.22 31.40
C LYS A 632 -15.78 0.50 32.81
N ASP A 633 -16.63 1.53 32.96
CA ASP A 633 -17.21 1.87 34.25
C ASP A 633 -18.67 1.50 34.39
N GLY A 634 -19.40 1.35 33.29
CA GLY A 634 -20.85 1.17 33.36
C GLY A 634 -21.63 2.35 33.88
N ASP A 635 -21.22 3.58 33.53
CA ASP A 635 -21.72 4.83 34.14
C ASP A 635 -22.46 5.66 33.08
N VAL A 636 -23.76 5.42 32.95
CA VAL A 636 -24.53 6.14 31.93
C VAL A 636 -24.65 7.62 32.29
N GLU A 637 -24.74 7.95 33.57
CA GLU A 637 -24.82 9.36 33.93
C GLU A 637 -23.55 10.09 33.57
N LYS A 638 -22.40 9.45 33.72
CA LYS A 638 -21.14 10.05 33.31
C LYS A 638 -21.12 10.29 31.80
N ALA A 639 -21.68 9.35 31.03
CA ALA A 639 -21.72 9.52 29.58
C ALA A 639 -22.66 10.65 29.17
N VAL A 640 -23.85 10.70 29.78
CA VAL A 640 -24.78 11.79 29.49
C VAL A 640 -24.13 13.13 29.83
N ARG A 641 -23.46 13.20 31.00
CA ARG A 641 -22.76 14.42 31.41
C ARG A 641 -21.69 14.82 30.40
N ILE A 642 -20.94 13.84 29.89
CA ILE A 642 -19.91 14.11 28.89
C ILE A 642 -20.53 14.72 27.63
N VAL A 643 -21.61 14.11 27.14
CA VAL A 643 -22.23 14.60 25.90
C VAL A 643 -22.77 16.01 26.12
N LYS A 644 -23.38 16.26 27.28
CA LYS A 644 -23.93 17.59 27.55
C LYS A 644 -22.81 18.64 27.57
N GLU A 645 -21.68 18.32 28.20
CA GLU A 645 -20.57 19.27 28.24
C GLU A 645 -20.02 19.55 26.85
N VAL A 646 -19.92 18.52 25.99
CA VAL A 646 -19.35 18.74 24.67
C VAL A 646 -20.30 19.56 23.79
N THR A 647 -21.59 19.23 23.80
CA THR A 647 -22.53 20.02 23.00
C THR A 647 -22.63 21.46 23.51
N GLU A 648 -22.45 21.68 24.81
CA GLU A 648 -22.42 23.06 25.30
C GLU A 648 -21.18 23.82 24.83
N LYS A 649 -19.99 23.19 24.90
CA LYS A 649 -18.79 23.86 24.42
C LYS A 649 -18.86 24.14 22.93
N LEU A 650 -19.51 23.24 22.18
CA LEU A 650 -19.70 23.45 20.75
C LEU A 650 -20.61 24.64 20.47
N SER A 651 -21.71 24.76 21.21
CA SER A 651 -22.68 25.80 20.90
C SER A 651 -22.22 27.18 21.37
N LYS A 652 -21.28 27.24 22.29
CA LYS A 652 -20.66 28.50 22.66
C LYS A 652 -19.42 28.78 21.82
N TYR A 653 -19.21 28.04 20.74
CA TYR A 653 -18.08 28.25 19.83
C TYR A 653 -16.73 28.18 20.55
N GLU A 654 -16.64 27.32 21.57
CA GLU A 654 -15.44 27.17 22.39
C GLU A 654 -14.55 26.02 21.94
N VAL A 655 -14.96 25.20 20.97
CA VAL A 655 -14.15 24.06 20.59
C VAL A 655 -13.20 24.46 19.47
N PRO A 656 -11.90 24.24 19.64
CA PRO A 656 -10.91 24.68 18.64
C PRO A 656 -11.14 24.05 17.28
N PRO A 657 -10.96 24.82 16.20
CA PRO A 657 -11.33 24.32 14.86
C PRO A 657 -10.60 23.05 14.44
N GLU A 658 -9.40 22.79 14.95
CA GLU A 658 -8.69 21.58 14.55
C GLU A 658 -9.42 20.30 14.94
N LYS A 659 -10.27 20.38 15.98
CA LYS A 659 -11.07 19.24 16.38
C LYS A 659 -12.35 19.08 15.55
N LEU A 660 -12.59 19.99 14.60
CA LEU A 660 -13.74 19.95 13.71
C LEU A 660 -13.36 19.60 12.28
N VAL A 661 -12.11 19.27 12.00
CA VAL A 661 -11.72 18.96 10.64
C VAL A 661 -12.24 17.59 10.24
N ILE A 662 -12.75 17.51 9.02
CA ILE A 662 -13.22 16.28 8.41
C ILE A 662 -12.30 15.98 7.24
N HIS A 663 -11.81 14.73 7.17
CA HIS A 663 -10.86 14.32 6.14
C HIS A 663 -11.51 13.26 5.25
N LYS A 664 -11.46 13.50 3.94
CA LYS A 664 -12.04 12.55 2.99
C LYS A 664 -11.15 12.51 1.76
N GLN A 665 -10.95 11.31 1.24
CA GLN A 665 -10.07 11.13 0.09
C GLN A 665 -10.85 11.37 -1.20
N ILE A 666 -10.21 12.08 -2.14
CA ILE A 666 -10.67 12.14 -3.52
C ILE A 666 -10.22 10.87 -4.22
N THR A 667 -11.15 10.14 -4.83
CA THR A 667 -10.83 8.82 -5.37
C THR A 667 -10.74 8.76 -6.89
N ARG A 668 -10.80 9.88 -7.59
CA ARG A 668 -10.90 9.85 -9.05
C ARG A 668 -10.72 11.27 -9.55
N ASP A 669 -10.61 11.41 -10.88
CA ASP A 669 -10.64 12.74 -11.49
C ASP A 669 -11.95 13.43 -11.12
N LEU A 670 -11.89 14.75 -10.91
CA LEU A 670 -13.07 15.48 -10.49
C LEU A 670 -14.17 15.45 -11.56
N LYS A 671 -13.78 15.31 -12.84
CA LYS A 671 -14.76 15.17 -13.92
C LYS A 671 -15.69 13.98 -13.70
N ASP A 672 -15.19 12.91 -13.08
CA ASP A 672 -15.92 11.65 -12.96
C ASP A 672 -16.77 11.55 -11.70
N TYR A 673 -17.17 12.66 -11.12
CA TYR A 673 -18.04 12.65 -9.95
C TYR A 673 -19.46 12.93 -10.43
N LYS A 674 -20.37 11.99 -10.13
CA LYS A 674 -21.77 12.16 -10.47
C LYS A 674 -22.56 12.81 -9.36
N ALA A 675 -22.12 12.68 -8.11
CA ALA A 675 -22.72 13.34 -6.96
C ALA A 675 -21.63 14.16 -6.28
N THR A 676 -21.78 15.47 -6.29
CA THR A 676 -20.72 16.34 -5.76
C THR A 676 -21.02 16.64 -4.28
N GLY A 677 -20.26 15.99 -3.39
CA GLY A 677 -20.38 16.21 -1.97
C GLY A 677 -19.46 17.32 -1.46
N PRO A 678 -19.45 17.55 -0.15
CA PRO A 678 -18.61 18.64 0.39
C PRO A 678 -17.13 18.55 0.00
N HIS A 679 -16.47 17.41 0.24
CA HIS A 679 -15.05 17.32 -0.08
C HIS A 679 -14.80 17.45 -1.59
N VAL A 680 -15.73 16.96 -2.43
CA VAL A 680 -15.62 17.17 -3.88
C VAL A 680 -15.77 18.66 -4.22
N ALA A 681 -16.71 19.36 -3.59
CA ALA A 681 -16.88 20.79 -3.85
C ALA A 681 -15.62 21.57 -3.47
N VAL A 682 -15.06 21.29 -2.29
CA VAL A 682 -13.83 21.94 -1.89
C VAL A 682 -12.72 21.68 -2.91
N ALA A 683 -12.53 20.41 -3.28
CA ALA A 683 -11.48 20.04 -4.23
C ALA A 683 -11.67 20.70 -5.58
N LYS A 684 -12.93 20.83 -6.04
CA LYS A 684 -13.15 21.47 -7.34
C LYS A 684 -12.80 22.93 -7.27
N ARG A 685 -13.18 23.59 -6.18
CA ARG A 685 -12.80 24.99 -6.00
C ARG A 685 -11.28 25.14 -5.96
N LEU A 686 -10.59 24.23 -5.27
CA LEU A 686 -9.13 24.26 -5.20
C LEU A 686 -8.49 24.07 -6.57
N ALA A 687 -9.01 23.11 -7.35
CA ALA A 687 -8.54 22.90 -8.71
C ALA A 687 -8.74 24.13 -9.58
N ALA A 688 -9.83 24.88 -9.35
CA ALA A 688 -10.05 26.07 -10.18
C ALA A 688 -9.04 27.18 -9.89
N ARG A 689 -8.40 27.16 -8.73
CA ARG A 689 -7.19 27.92 -8.47
C ARG A 689 -5.98 27.02 -8.77
N GLY A 690 -4.79 27.38 -8.29
CA GLY A 690 -3.60 26.63 -8.66
C GLY A 690 -3.60 25.14 -8.34
N VAL A 691 -4.35 24.71 -7.31
CA VAL A 691 -4.05 23.44 -6.63
C VAL A 691 -4.41 22.24 -7.50
N LYS A 692 -3.46 21.32 -7.64
CA LYS A 692 -3.64 20.10 -8.44
C LYS A 692 -4.16 18.98 -7.55
N ILE A 693 -5.29 18.42 -7.93
CA ILE A 693 -5.93 17.37 -7.16
C ILE A 693 -5.83 16.09 -7.96
N ARG A 694 -5.17 15.10 -7.41
N ARG A 694 -5.18 15.10 -7.41
CA ARG A 694 -5.07 13.79 -8.02
CA ARG A 694 -5.06 13.79 -8.02
C ARG A 694 -5.73 12.77 -7.10
C ARG A 694 -5.72 12.77 -7.10
N PRO A 695 -6.10 11.60 -7.62
CA PRO A 695 -6.67 10.56 -6.77
C PRO A 695 -5.75 10.22 -5.61
N GLY A 696 -6.34 10.11 -4.43
CA GLY A 696 -5.59 9.91 -3.21
C GLY A 696 -5.30 11.16 -2.43
N THR A 697 -5.48 12.35 -3.02
CA THR A 697 -5.39 13.58 -2.24
C THR A 697 -6.41 13.52 -1.11
N VAL A 698 -6.01 13.90 0.09
CA VAL A 698 -6.93 13.96 1.21
C VAL A 698 -7.37 15.40 1.38
N ILE A 699 -8.66 15.65 1.20
CA ILE A 699 -9.26 16.94 1.47
C ILE A 699 -9.60 17.02 2.95
N SER A 700 -9.20 18.12 3.59
CA SER A 700 -9.47 18.37 5.01
C SER A 700 -10.26 19.65 5.13
N TYR A 701 -11.52 19.55 5.54
CA TYR A 701 -12.40 20.69 5.47
C TYR A 701 -13.16 20.87 6.78
N ILE A 702 -13.73 22.05 6.91
CA ILE A 702 -14.53 22.41 8.08
C ILE A 702 -15.77 23.12 7.58
N VAL A 703 -16.89 22.94 8.30
CA VAL A 703 -18.19 23.43 7.87
C VAL A 703 -18.48 24.75 8.58
N LEU A 704 -18.61 25.80 7.78
CA LEU A 704 -18.86 27.14 8.28
C LEU A 704 -20.33 27.36 8.60
N LYS A 705 -20.58 28.19 9.61
CA LYS A 705 -21.93 28.62 9.97
C LYS A 705 -22.63 29.23 8.77
N GLY A 706 -23.90 28.91 8.61
CA GLY A 706 -24.72 29.59 7.63
C GLY A 706 -25.81 28.66 7.12
N SER A 707 -26.78 29.24 6.45
CA SER A 707 -27.83 28.40 5.91
C SER A 707 -27.51 28.05 4.45
N GLY A 708 -28.35 27.24 3.85
CA GLY A 708 -28.03 26.74 2.52
C GLY A 708 -27.15 25.50 2.56
N ARG A 709 -26.85 25.02 1.35
CA ARG A 709 -26.22 23.72 1.19
C ARG A 709 -24.86 23.67 1.87
N ILE A 710 -24.58 22.53 2.52
CA ILE A 710 -23.32 22.33 3.21
C ILE A 710 -22.15 22.34 2.24
N VAL A 711 -22.39 21.97 0.98
CA VAL A 711 -21.30 21.96 -0.01
C VAL A 711 -20.79 23.38 -0.24
N ASP A 712 -21.64 24.38 -0.07
CA ASP A 712 -21.21 25.75 -0.28
C ASP A 712 -20.64 26.41 0.96
N ARG A 713 -20.77 25.77 2.12
CA ARG A 713 -20.29 26.32 3.37
C ARG A 713 -19.04 25.62 3.90
N ALA A 714 -18.50 24.65 3.16
CA ALA A 714 -17.33 23.92 3.62
C ALA A 714 -16.08 24.55 3.03
N ILE A 715 -15.10 24.83 3.86
CA ILE A 715 -13.86 25.43 3.36
C ILE A 715 -12.69 24.54 3.75
N PRO A 716 -11.61 24.53 2.99
CA PRO A 716 -10.40 23.82 3.45
C PRO A 716 -9.94 24.38 4.78
N PHE A 717 -9.55 23.47 5.68
CA PHE A 717 -9.15 23.90 7.02
C PHE A 717 -7.97 24.87 6.98
N ASP A 718 -7.12 24.78 5.94
CA ASP A 718 -6.02 25.71 5.77
C ASP A 718 -6.48 27.16 5.77
N GLU A 719 -7.65 27.42 5.18
CA GLU A 719 -8.15 28.78 5.04
C GLU A 719 -9.00 29.23 6.22
N PHE A 720 -9.15 28.41 7.25
CA PHE A 720 -10.00 28.80 8.38
C PHE A 720 -9.27 29.83 9.23
N ASP A 721 -9.91 30.97 9.46
CA ASP A 721 -9.39 32.03 10.32
C ASP A 721 -10.35 32.23 11.48
N PRO A 722 -9.95 31.92 12.72
CA PRO A 722 -10.92 31.97 13.83
C PRO A 722 -11.50 33.36 14.07
N THR A 723 -10.90 34.40 13.50
CA THR A 723 -11.49 35.73 13.52
C THR A 723 -12.57 35.87 12.43
N LYS A 724 -12.20 35.62 11.18
CA LYS A 724 -13.13 35.78 10.06
C LYS A 724 -14.32 34.81 10.18
N HIS A 725 -14.02 33.52 10.29
CA HIS A 725 -15.03 32.48 10.10
C HIS A 725 -15.55 31.96 11.42
N LYS A 726 -16.83 31.65 11.44
CA LYS A 726 -17.46 30.95 12.55
C LYS A 726 -17.86 29.58 12.02
N TYR A 727 -17.60 28.54 12.81
CA TYR A 727 -18.00 27.22 12.34
C TYR A 727 -19.46 26.96 12.66
N ASP A 728 -20.02 25.94 11.99
CA ASP A 728 -21.44 25.58 12.15
C ASP A 728 -21.60 24.68 13.37
N ALA A 729 -21.90 25.31 14.51
CA ALA A 729 -22.05 24.57 15.75
C ALA A 729 -23.16 23.53 15.66
N GLU A 730 -24.28 23.88 15.03
CA GLU A 730 -25.40 22.96 15.03
C GLU A 730 -25.10 21.76 14.14
N TYR A 731 -24.40 21.95 13.03
CA TYR A 731 -23.97 20.80 12.24
C TYR A 731 -23.07 19.88 13.06
N TYR A 732 -22.09 20.45 13.77
CA TYR A 732 -21.21 19.58 14.55
C TYR A 732 -21.94 18.93 15.72
N ILE A 733 -23.04 19.51 16.21
CA ILE A 733 -23.79 18.88 17.28
C ILE A 733 -24.71 17.79 16.75
N GLU A 734 -25.58 18.15 15.80
CA GLU A 734 -26.65 17.28 15.33
C GLU A 734 -26.17 16.24 14.36
N LYS A 735 -25.14 16.54 13.57
CA LYS A 735 -24.76 15.59 12.53
C LYS A 735 -23.44 14.89 12.80
N GLN A 736 -22.68 15.33 13.80
CA GLN A 736 -21.43 14.66 14.13
C GLN A 736 -21.44 14.06 15.53
N VAL A 737 -21.65 14.84 16.58
CA VAL A 737 -21.45 14.31 17.92
C VAL A 737 -22.64 13.45 18.34
N LEU A 738 -23.86 13.99 18.25
CA LEU A 738 -25.00 13.23 18.75
C LEU A 738 -25.20 11.91 18.03
N PRO A 739 -25.11 11.80 16.70
CA PRO A 739 -25.30 10.46 16.09
C PRO A 739 -24.29 9.45 16.59
N ALA A 740 -23.01 9.84 16.63
CA ALA A 740 -21.96 8.94 17.08
C ALA A 740 -22.17 8.48 18.52
N VAL A 741 -22.62 9.36 19.40
CA VAL A 741 -22.76 8.89 20.79
C VAL A 741 -24.08 8.16 21.00
N GLU A 742 -25.13 8.54 20.28
CA GLU A 742 -26.42 7.91 20.51
C GLU A 742 -26.45 6.51 19.96
N ARG A 743 -25.60 6.21 18.96
CA ARG A 743 -25.52 4.82 18.52
CA ARG A 743 -25.50 4.83 18.52
C ARG A 743 -24.90 3.93 19.60
N ILE A 744 -23.90 4.45 20.33
CA ILE A 744 -23.32 3.72 21.45
C ILE A 744 -24.35 3.52 22.56
N LEU A 745 -25.01 4.61 22.94
CA LEU A 745 -25.99 4.54 24.01
C LEU A 745 -27.10 3.55 23.68
N ARG A 746 -27.64 3.62 22.46
CA ARG A 746 -28.71 2.70 22.09
C ARG A 746 -28.22 1.25 22.11
N ALA A 747 -26.97 1.00 21.68
CA ALA A 747 -26.44 -0.36 21.80
C ALA A 747 -26.37 -0.81 23.26
N PHE A 748 -26.15 0.11 24.19
CA PHE A 748 -26.23 -0.31 25.59
C PHE A 748 -27.65 -0.47 26.10
N GLY A 749 -28.63 0.17 25.48
CA GLY A 749 -29.99 0.14 25.94
C GLY A 749 -30.53 1.43 26.57
N TYR A 750 -29.95 2.59 26.24
CA TYR A 750 -30.38 3.89 26.79
C TYR A 750 -30.78 4.76 25.60
N ARG A 751 -32.04 4.63 25.21
CA ARG A 751 -32.60 5.27 23.98
C ARG A 751 -32.85 6.77 24.13
N LYS A 752 -33.54 7.21 25.19
CA LYS A 752 -33.85 8.67 25.28
C LYS A 752 -33.09 9.34 26.44
N GLU A 753 -32.33 10.39 26.09
CA GLU A 753 -31.56 11.23 27.06
C GLU A 753 -31.69 12.69 26.58
N ASP A 754 -31.57 13.67 27.48
CA ASP A 754 -31.70 15.08 27.05
C ASP A 754 -30.57 15.43 26.07
N LEU A 755 -29.33 15.04 26.40
CA LEU A 755 -28.14 15.30 25.54
C LEU A 755 -28.08 16.76 25.06
N ARG A 756 -28.63 17.72 25.81
CA ARG A 756 -28.61 19.13 25.40
C ARG A 756 -28.11 20.09 26.49
MG MG D . -8.00 -12.42 12.11
MG MG E . -4.08 -14.22 14.10
MG MG F . 8.28 19.59 0.53
MG MG G . 8.43 21.60 2.44
N1 DZ4 H . -7.22 -8.89 1.63
C2 DZ4 H . -7.83 -10.06 1.40
N3 DZ4 H . -8.22 -10.89 2.38
C4 DZ4 H . -8.01 -10.58 3.68
C5 DZ4 H . -7.33 -9.31 3.99
C6 DZ4 H . -6.94 -8.45 2.86
N6 DZ4 H . -6.31 -7.27 3.06
N7 DZ4 H . -7.25 -9.24 5.34
C8 DZ4 H . -7.81 -10.37 5.83
N9 DZ4 H . -8.27 -11.16 4.84
PA DZ4 H . -5.65 -11.86 8.92
PB DZ4 H . -3.73 -13.99 9.84
PG DZ4 H . -1.75 -13.25 11.71
C1' DZ4 H . -8.93 -12.47 5.02
O1A DZ4 H . -6.65 -10.93 9.48
O1B DZ4 H . -3.95 -15.22 10.64
O1G DZ4 H . -1.26 -11.84 11.81
C2' DZ4 H . -8.01 -13.54 4.48
O2A DZ4 H . -4.46 -11.01 8.26
O2B DZ4 H . -3.76 -14.33 8.28
O2G DZ4 H . -2.95 -13.54 12.57
C3' DZ4 H . -7.38 -14.17 5.71
O3' DZ4 H . -7.28 -15.58 5.55
N3A DZ4 H . -5.00 -12.84 10.20
O3B DZ4 H . -2.31 -13.35 10.20
O3G DZ4 H . -0.66 -14.28 11.77
C4' DZ4 H . -8.32 -13.81 6.85
O4' DZ4 H . -9.13 -12.72 6.40
C5' DZ4 H . -7.58 -13.41 8.12
O5' DZ4 H . -6.35 -12.78 7.81
C TRS I . 13.89 -0.17 -13.30
C1 TRS I . 12.68 0.76 -13.25
C2 TRS I . 14.88 0.22 -12.20
C3 TRS I . 14.57 -0.05 -14.66
N TRS I . 13.45 -1.54 -13.10
O1 TRS I . 11.72 0.33 -14.17
O2 TRS I . 14.20 0.33 -10.98
O3 TRS I . 15.14 1.23 -14.78
C1 EDO J . -11.62 -4.30 33.13
O1 EDO J . -12.90 -4.91 33.06
C2 EDO J . -11.70 -2.87 33.52
O2 EDO J . -12.89 -2.53 34.20
C ACT K . -5.37 -29.56 11.97
O ACT K . -5.94 -30.66 12.17
OXT ACT K . -5.23 -29.17 10.77
CH3 ACT K . -4.96 -28.73 13.11
MG MG L . -10.77 -3.37 -1.19
C1 EDO M . -27.35 1.49 16.68
O1 EDO M . -26.87 1.25 18.01
C2 EDO M . -26.20 1.49 15.67
O2 EDO M . -26.71 1.55 14.34
#